data_2XCP
#
_entry.id   2XCP
#
_cell.length_a   59.757
_cell.length_b   100.429
_cell.length_c   105.873
_cell.angle_alpha   90.00
_cell.angle_beta   96.08
_cell.angle_gamma   90.00
#
_symmetry.space_group_name_H-M   'P 1 21 1'
#
loop_
_entity.id
_entity.type
_entity.pdbx_description
1 polymer 'DNA POLYMERASE IV'
2 polymer "5'-D(*GP*GP*GP*GP*GP*AP*AP*GP*GP*AP*TP *TP*DOC)-3'"
3 polymer "5'-D(*TP*CP*AP*CP*8OGP*GP*AP*AP*TP*CP*CP *TP*TP*CP*CP*CP*CP*C)-3'"
4 non-polymer 'MAGNESIUM ION'
5 non-polymer "2'-DEOXYCYTIDINE-5'-TRIPHOSPHATE"
6 water water
#
loop_
_entity_poly.entity_id
_entity_poly.type
_entity_poly.pdbx_seq_one_letter_code
_entity_poly.pdbx_strand_id
1 'polypeptide(L)'
;HHHHHHMIVLFVDFDYFYAQVEEVLNPSLKGKPVVVCVFSGRFEDSGAVATANYEARKFGVKAGIPIVEAKKILPNAVYL
PMRKEVYQQVSSRIMNLLREYSEKIEIASIDEAYLDISDKVRDYREAYNLGLEIKNKILEKEKITVTVGISKNKVFAKIA
ADMAKPNGIKVIDDEEVKRLIRELDIADVPGIGNITAEKLKKLGINKLVDTLSIEFDKLKGMIGEAKAKYLISLARDEYN
EPIRTRVRKSIGRIVTMKRNSRNLEEIKPYLFRAIEESYYKLDKRIPKAIHVVAVTEDLDIVSRGRTFPHGISKETAYSE
SVKLLQKILEEDERKIRRIGVRFSKFIEAIGLDKFFDT
;
A,B
2 'polydeoxyribonucleotide' (DG)(DG)(DG)(DG)(DG)(DA)(DA)(DG)(DG)(DA)(DT)(DT)(DOC) E,P
3 'polydeoxyribonucleotide' (DT)(DC)(DA)(DC)(8OG)(DG)(DA)(DA)(DT)(DC)(DC)(DT)(DT)(DC)(DC)(DC)(DC)(DC) F,T
#
loop_
_chem_comp.id
_chem_comp.type
_chem_comp.name
_chem_comp.formula
8OG DNA linking 8-OXO-2'-DEOXY-GUANOSINE-5'-MONOPHOSPHATE 'C10 H14 N5 O8 P'
DA DNA linking 2'-DEOXYADENOSINE-5'-MONOPHOSPHATE 'C10 H14 N5 O6 P'
DC DNA linking 2'-DEOXYCYTIDINE-5'-MONOPHOSPHATE 'C9 H14 N3 O7 P'
DCP non-polymer 2'-DEOXYCYTIDINE-5'-TRIPHOSPHATE 'C9 H16 N3 O13 P3'
DG DNA linking 2'-DEOXYGUANOSINE-5'-MONOPHOSPHATE 'C10 H14 N5 O7 P'
DOC DNA linking 2',3'-DIDEOXYCYTIDINE-5'-MONOPHOSPHATE 'C9 H14 N3 O6 P'
DT DNA linking THYMIDINE-5'-MONOPHOSPHATE 'C10 H15 N2 O8 P'
MG non-polymer 'MAGNESIUM ION' 'Mg 2'
#
# COMPACT_ATOMS: atom_id res chain seq x y z
N MET A 7 -28.20 -24.21 -1.28
CA MET A 7 -28.54 -22.85 -1.76
C MET A 7 -27.32 -22.11 -2.29
N ILE A 8 -27.42 -21.49 -3.47
CA ILE A 8 -26.30 -20.76 -4.01
C ILE A 8 -26.70 -19.32 -4.31
N VAL A 9 -25.87 -18.39 -3.89
CA VAL A 9 -26.13 -16.98 -4.10
C VAL A 9 -25.03 -16.35 -4.93
N LEU A 10 -25.45 -15.58 -5.93
CA LEU A 10 -24.51 -14.88 -6.78
C LEU A 10 -24.76 -13.40 -6.49
N PHE A 11 -23.69 -12.68 -6.12
CA PHE A 11 -23.80 -11.28 -5.79
C PHE A 11 -23.00 -10.47 -6.77
N VAL A 12 -23.57 -9.37 -7.22
CA VAL A 12 -22.89 -8.52 -8.19
C VAL A 12 -22.77 -7.13 -7.59
N ASP A 13 -21.65 -6.47 -7.85
CA ASP A 13 -21.41 -5.13 -7.32
C ASP A 13 -20.59 -4.37 -8.33
N PHE A 14 -21.17 -3.34 -8.94
CA PHE A 14 -20.45 -2.58 -9.96
C PHE A 14 -19.17 -1.96 -9.39
N ASP A 15 -18.21 -1.59 -10.23
CA ASP A 15 -16.92 -1.03 -9.77
C ASP A 15 -16.85 0.49 -9.80
N TYR A 16 -16.39 1.08 -8.69
CA TYR A 16 -16.28 2.53 -8.54
C TYR A 16 -17.28 3.19 -9.48
N PHE A 17 -18.47 2.63 -9.43
CA PHE A 17 -19.62 2.95 -10.25
C PHE A 17 -19.89 4.35 -10.76
N TYR A 18 -20.15 5.31 -9.86
CA TYR A 18 -20.43 6.66 -10.32
C TYR A 18 -19.24 7.11 -11.15
N ALA A 19 -18.03 6.87 -10.62
CA ALA A 19 -16.80 7.24 -11.29
C ALA A 19 -16.65 6.53 -12.62
N GLN A 20 -16.88 5.22 -12.63
CA GLN A 20 -16.75 4.45 -13.87
C GLN A 20 -17.72 4.95 -14.96
N VAL A 21 -18.92 5.33 -14.54
CA VAL A 21 -19.92 5.82 -15.46
C VAL A 21 -19.47 7.10 -16.15
N GLU A 22 -18.89 8.01 -15.38
CA GLU A 22 -18.43 9.29 -15.93
C GLU A 22 -17.33 8.97 -16.97
N GLU A 23 -16.53 7.94 -16.70
CA GLU A 23 -15.49 7.57 -17.63
C GLU A 23 -16.08 7.01 -18.91
N VAL A 24 -17.08 6.14 -18.79
CA VAL A 24 -17.71 5.56 -19.95
C VAL A 24 -18.37 6.64 -20.80
N LEU A 25 -18.71 7.76 -20.17
CA LEU A 25 -19.34 8.86 -20.90
C LEU A 25 -18.32 9.86 -21.41
N ASN A 26 -17.09 9.73 -20.92
CA ASN A 26 -15.99 10.59 -21.30
C ASN A 26 -14.69 9.80 -21.11
N PRO A 27 -14.28 9.07 -22.17
CA PRO A 27 -13.06 8.26 -22.13
C PRO A 27 -11.79 9.00 -21.74
N SER A 28 -11.79 10.32 -21.87
CA SER A 28 -10.62 11.10 -21.54
C SER A 28 -10.27 11.01 -20.06
N LEU A 29 -11.28 10.77 -19.23
CA LEU A 29 -11.08 10.68 -17.79
C LEU A 29 -10.34 9.41 -17.43
N LYS A 30 -10.41 8.45 -18.35
CA LYS A 30 -9.75 7.17 -18.15
C LYS A 30 -8.25 7.38 -18.04
N GLY A 31 -7.68 6.91 -16.93
CA GLY A 31 -6.26 7.06 -16.72
C GLY A 31 -5.92 8.11 -15.69
N LYS A 32 -6.82 9.08 -15.52
CA LYS A 32 -6.64 10.17 -14.57
C LYS A 32 -7.47 9.87 -13.33
N PRO A 33 -6.99 10.28 -12.14
CA PRO A 33 -7.78 9.99 -10.92
C PRO A 33 -9.08 10.78 -11.00
N VAL A 34 -10.18 10.19 -10.57
CA VAL A 34 -11.47 10.88 -10.63
C VAL A 34 -12.23 10.85 -9.31
N VAL A 35 -12.82 11.99 -8.96
CA VAL A 35 -13.59 12.08 -7.74
C VAL A 35 -14.95 12.71 -8.00
N VAL A 36 -15.99 11.92 -7.73
CA VAL A 36 -17.36 12.35 -7.90
C VAL A 36 -17.82 12.90 -6.57
N CYS A 37 -18.26 14.15 -6.55
CA CYS A 37 -18.67 14.72 -5.28
C CYS A 37 -20.03 15.40 -5.27
N VAL A 38 -20.55 15.56 -4.06
CA VAL A 38 -21.82 16.21 -3.89
C VAL A 38 -21.54 17.51 -3.17
N PHE A 39 -21.70 18.61 -3.91
CA PHE A 39 -21.48 19.97 -3.43
C PHE A 39 -22.73 20.45 -2.72
N SER A 40 -22.61 20.92 -1.49
CA SER A 40 -23.77 21.37 -0.74
C SER A 40 -24.25 22.74 -1.18
N GLY A 41 -23.43 23.43 -1.96
CA GLY A 41 -23.80 24.74 -2.44
C GLY A 41 -23.47 25.82 -1.42
N ARG A 42 -23.09 25.36 -0.24
CA ARG A 42 -22.74 26.27 0.83
C ARG A 42 -21.60 27.12 0.34
N PHE A 43 -20.48 26.47 0.05
CA PHE A 43 -19.25 27.13 -0.41
C PHE A 43 -18.88 26.54 -1.75
N GLU A 44 -18.03 27.23 -2.49
N GLU A 44 -18.02 27.23 -2.48
CA GLU A 44 -17.60 26.77 -3.82
CA GLU A 44 -17.59 26.79 -3.80
C GLU A 44 -17.08 25.33 -3.83
C GLU A 44 -17.08 25.34 -3.83
N ASP A 45 -16.60 24.85 -2.70
CA ASP A 45 -16.08 23.49 -2.61
C ASP A 45 -16.50 22.80 -1.34
N SER A 46 -17.72 23.11 -0.90
CA SER A 46 -18.29 22.52 0.29
C SER A 46 -19.03 21.24 -0.12
N GLY A 47 -18.79 20.15 0.60
CA GLY A 47 -19.45 18.90 0.27
C GLY A 47 -18.68 17.65 0.65
N ALA A 48 -19.20 16.50 0.25
CA ALA A 48 -18.57 15.22 0.54
C ALA A 48 -18.36 14.46 -0.77
N VAL A 49 -17.62 13.37 -0.72
CA VAL A 49 -17.35 12.57 -1.92
C VAL A 49 -18.24 11.33 -2.03
N ALA A 50 -18.91 11.17 -3.18
CA ALA A 50 -19.76 10.00 -3.42
C ALA A 50 -18.80 8.83 -3.66
N THR A 51 -17.82 9.02 -4.54
CA THR A 51 -16.74 8.04 -4.80
C THR A 51 -15.65 8.64 -5.63
N ALA A 52 -14.61 7.84 -5.83
CA ALA A 52 -13.46 8.22 -6.62
C ALA A 52 -13.04 6.94 -7.30
N ASN A 53 -12.40 7.02 -8.45
CA ASN A 53 -11.97 5.81 -9.11
C ASN A 53 -10.74 5.29 -8.38
N TYR A 54 -10.21 4.16 -8.81
CA TYR A 54 -9.08 3.57 -8.11
C TYR A 54 -7.77 4.36 -8.15
N GLU A 55 -7.58 5.23 -9.14
CA GLU A 55 -6.38 6.04 -9.18
C GLU A 55 -6.36 6.92 -7.92
N ALA A 56 -7.43 7.69 -7.74
CA ALA A 56 -7.59 8.59 -6.59
C ALA A 56 -7.75 7.84 -5.27
N ARG A 57 -8.33 6.65 -5.35
CA ARG A 57 -8.55 5.84 -4.17
C ARG A 57 -7.24 5.46 -3.50
N LYS A 58 -6.26 5.06 -4.31
CA LYS A 58 -4.94 4.66 -3.85
C LYS A 58 -4.40 5.60 -2.78
N PHE A 59 -4.53 6.89 -3.05
CA PHE A 59 -4.02 7.93 -2.18
C PHE A 59 -4.91 8.40 -1.03
N GLY A 60 -5.81 7.53 -0.57
CA GLY A 60 -6.70 7.90 0.53
C GLY A 60 -8.02 8.58 0.23
N VAL A 61 -8.22 9.06 -1.00
CA VAL A 61 -9.48 9.73 -1.36
C VAL A 61 -10.66 8.75 -1.34
N LYS A 62 -11.33 8.62 -0.20
CA LYS A 62 -12.44 7.68 -0.09
C LYS A 62 -13.84 8.33 0.01
N ALA A 63 -14.88 7.52 -0.20
CA ALA A 63 -16.26 8.01 -0.14
C ALA A 63 -16.60 8.50 1.27
N GLY A 64 -17.29 9.64 1.34
CA GLY A 64 -17.68 10.20 2.63
C GLY A 64 -16.84 11.36 3.15
N ILE A 65 -15.58 11.46 2.73
CA ILE A 65 -14.75 12.55 3.23
C ILE A 65 -15.06 13.88 2.56
N PRO A 66 -14.64 15.00 3.16
CA PRO A 66 -14.89 16.33 2.61
C PRO A 66 -14.22 16.58 1.27
N ILE A 67 -14.91 17.29 0.39
CA ILE A 67 -14.34 17.58 -0.91
C ILE A 67 -13.05 18.36 -0.70
N VAL A 68 -12.95 19.00 0.46
CA VAL A 68 -11.80 19.80 0.82
C VAL A 68 -10.60 18.95 1.22
N GLU A 69 -10.84 17.87 1.96
CA GLU A 69 -9.74 17.00 2.35
C GLU A 69 -9.15 16.37 1.08
N ALA A 70 -10.03 15.98 0.15
CA ALA A 70 -9.63 15.37 -1.11
C ALA A 70 -8.73 16.25 -1.95
N LYS A 71 -9.01 17.56 -1.95
CA LYS A 71 -8.21 18.50 -2.73
C LYS A 71 -6.80 18.66 -2.17
N LYS A 72 -6.65 18.70 -0.85
CA LYS A 72 -5.33 18.81 -0.24
C LYS A 72 -4.47 17.68 -0.81
N ILE A 73 -5.03 16.46 -0.80
CA ILE A 73 -4.32 15.28 -1.29
C ILE A 73 -4.15 15.27 -2.81
N LEU A 74 -5.25 15.37 -3.55
CA LEU A 74 -5.14 15.40 -4.99
C LEU A 74 -5.64 16.71 -5.55
N PRO A 75 -4.90 17.78 -5.29
CA PRO A 75 -5.30 19.10 -5.80
C PRO A 75 -5.53 19.11 -7.30
N ASN A 76 -4.97 18.12 -7.98
CA ASN A 76 -5.08 18.06 -9.44
C ASN A 76 -5.93 16.93 -10.01
N ALA A 77 -6.65 16.21 -9.14
CA ALA A 77 -7.51 15.13 -9.59
C ALA A 77 -8.68 15.78 -10.32
N VAL A 78 -9.43 15.00 -11.10
CA VAL A 78 -10.60 15.55 -11.78
C VAL A 78 -11.78 15.43 -10.82
N TYR A 79 -12.39 16.56 -10.50
CA TYR A 79 -13.54 16.60 -9.59
C TYR A 79 -14.83 16.85 -10.35
N LEU A 80 -15.73 15.88 -10.30
CA LEU A 80 -16.99 16.03 -11.01
C LEU A 80 -18.20 16.04 -10.10
N PRO A 81 -19.21 16.86 -10.45
CA PRO A 81 -20.42 16.91 -9.63
C PRO A 81 -21.21 15.66 -9.93
N MET A 82 -21.84 15.09 -8.91
CA MET A 82 -22.61 13.87 -9.06
C MET A 82 -23.86 14.08 -9.91
N ARG A 83 -24.01 13.31 -11.00
CA ARG A 83 -25.19 13.40 -11.86
C ARG A 83 -26.00 12.13 -11.58
N LYS A 84 -26.65 12.07 -10.43
CA LYS A 84 -27.36 10.86 -10.06
C LYS A 84 -28.39 10.29 -11.04
N GLU A 85 -29.24 11.11 -11.64
CA GLU A 85 -30.22 10.61 -12.59
C GLU A 85 -29.52 9.79 -13.70
N VAL A 86 -28.32 10.19 -14.08
CA VAL A 86 -27.59 9.45 -15.08
C VAL A 86 -27.25 8.05 -14.54
N TYR A 87 -26.68 7.99 -13.34
CA TYR A 87 -26.30 6.72 -12.73
C TYR A 87 -27.47 5.77 -12.54
N GLN A 88 -28.61 6.30 -12.10
CA GLN A 88 -29.77 5.47 -11.92
C GLN A 88 -30.21 4.87 -13.26
N GLN A 89 -30.03 5.64 -14.32
CA GLN A 89 -30.37 5.21 -15.66
C GLN A 89 -29.52 4.01 -16.04
N VAL A 90 -28.21 4.17 -15.90
CA VAL A 90 -27.29 3.08 -16.24
C VAL A 90 -27.56 1.88 -15.33
N SER A 91 -27.82 2.15 -14.07
CA SER A 91 -28.11 1.07 -13.11
C SER A 91 -29.30 0.20 -13.49
N SER A 92 -30.39 0.83 -13.87
CA SER A 92 -31.59 0.09 -14.24
C SER A 92 -31.36 -0.77 -15.47
N ARG A 93 -30.57 -0.27 -16.42
CA ARG A 93 -30.30 -1.04 -17.62
C ARG A 93 -29.49 -2.28 -17.27
N ILE A 94 -28.61 -2.18 -16.27
CA ILE A 94 -27.82 -3.36 -15.88
C ILE A 94 -28.67 -4.26 -15.01
N MET A 95 -29.52 -3.69 -14.17
CA MET A 95 -30.36 -4.55 -13.36
C MET A 95 -31.25 -5.36 -14.29
N ASN A 96 -31.66 -4.77 -15.41
CA ASN A 96 -32.51 -5.49 -16.35
C ASN A 96 -31.81 -6.65 -17.00
N LEU A 97 -30.51 -6.51 -17.24
CA LEU A 97 -29.74 -7.58 -17.85
C LEU A 97 -29.60 -8.75 -16.88
N LEU A 98 -29.53 -8.42 -15.59
CA LEU A 98 -29.39 -9.45 -14.54
C LEU A 98 -30.66 -10.28 -14.38
N ARG A 99 -31.82 -9.63 -14.43
CA ARG A 99 -33.09 -10.32 -14.29
C ARG A 99 -33.20 -11.49 -15.28
N GLU A 100 -32.48 -11.39 -16.39
N GLU A 100 -32.50 -11.39 -16.40
CA GLU A 100 -32.47 -12.43 -17.41
CA GLU A 100 -32.55 -12.46 -17.39
C GLU A 100 -31.87 -13.75 -16.92
C GLU A 100 -31.84 -13.75 -16.95
N TYR A 101 -30.95 -13.66 -15.95
CA TYR A 101 -30.27 -14.85 -15.45
C TYR A 101 -30.95 -15.54 -14.30
N SER A 102 -31.86 -14.86 -13.63
CA SER A 102 -32.57 -15.50 -12.53
C SER A 102 -33.82 -14.74 -12.12
N GLU A 103 -34.83 -15.49 -11.70
CA GLU A 103 -36.10 -14.90 -11.26
C GLU A 103 -35.96 -14.31 -9.85
N LYS A 104 -35.33 -15.07 -8.96
CA LYS A 104 -35.13 -14.57 -7.60
C LYS A 104 -33.99 -13.57 -7.65
N ILE A 105 -34.31 -12.29 -7.59
CA ILE A 105 -33.29 -11.25 -7.62
C ILE A 105 -33.68 -10.16 -6.67
N GLU A 106 -32.70 -9.64 -5.95
CA GLU A 106 -32.91 -8.60 -4.96
C GLU A 106 -31.99 -7.41 -5.25
N ILE A 107 -32.57 -6.28 -5.63
CA ILE A 107 -31.77 -5.09 -5.88
C ILE A 107 -31.48 -4.50 -4.51
N ALA A 108 -30.27 -4.72 -3.99
CA ALA A 108 -29.93 -4.21 -2.67
C ALA A 108 -29.58 -2.73 -2.63
N SER A 109 -29.17 -2.16 -3.76
CA SER A 109 -28.81 -0.75 -3.81
C SER A 109 -28.61 -0.26 -5.26
N ILE A 110 -28.22 1.00 -5.42
CA ILE A 110 -28.00 1.57 -6.74
C ILE A 110 -27.05 0.76 -7.60
N ASP A 111 -26.10 0.05 -6.98
CA ASP A 111 -25.14 -0.70 -7.78
C ASP A 111 -24.94 -2.17 -7.42
N GLU A 112 -25.86 -2.78 -6.68
CA GLU A 112 -25.67 -4.18 -6.36
C GLU A 112 -26.92 -5.06 -6.29
N ALA A 113 -26.74 -6.37 -6.48
CA ALA A 113 -27.86 -7.29 -6.45
C ALA A 113 -27.47 -8.70 -6.06
N TYR A 114 -28.42 -9.41 -5.47
CA TYR A 114 -28.22 -10.80 -5.06
C TYR A 114 -29.15 -11.65 -5.90
N LEU A 115 -28.62 -12.67 -6.58
CA LEU A 115 -29.48 -13.55 -7.37
C LEU A 115 -29.39 -14.93 -6.78
N ASP A 116 -30.52 -15.61 -6.63
CA ASP A 116 -30.46 -16.98 -6.13
C ASP A 116 -30.37 -17.79 -7.39
N ILE A 117 -29.24 -18.45 -7.62
CA ILE A 117 -29.11 -19.25 -8.84
C ILE A 117 -29.16 -20.76 -8.59
N SER A 118 -29.73 -21.15 -7.45
CA SER A 118 -29.86 -22.55 -7.08
C SER A 118 -30.50 -23.36 -8.20
N ASP A 119 -31.53 -22.81 -8.84
CA ASP A 119 -32.21 -23.51 -9.92
C ASP A 119 -31.56 -23.36 -11.29
N LYS A 120 -30.52 -22.56 -11.39
CA LYS A 120 -29.87 -22.34 -12.69
C LYS A 120 -28.51 -23.01 -12.81
N VAL A 121 -28.03 -23.57 -11.71
CA VAL A 121 -26.71 -24.17 -11.71
C VAL A 121 -26.71 -25.40 -10.82
N ARG A 122 -25.82 -26.34 -11.12
CA ARG A 122 -25.75 -27.58 -10.37
C ARG A 122 -24.65 -27.62 -9.31
N ASP A 123 -23.58 -26.87 -9.52
CA ASP A 123 -22.47 -26.84 -8.56
C ASP A 123 -21.71 -25.53 -8.61
N TYR A 124 -20.70 -25.41 -7.76
CA TYR A 124 -19.90 -24.21 -7.71
C TYR A 124 -19.14 -23.89 -8.98
N ARG A 125 -18.70 -24.90 -9.71
N ARG A 125 -18.70 -24.91 -9.70
CA ARG A 125 -17.98 -24.69 -10.96
CA ARG A 125 -17.97 -24.68 -10.94
C ARG A 125 -18.91 -24.08 -11.99
C ARG A 125 -18.91 -24.09 -11.99
N GLU A 126 -20.17 -24.48 -11.96
CA GLU A 126 -21.15 -23.97 -12.91
C GLU A 126 -21.55 -22.55 -12.52
N ALA A 127 -21.66 -22.32 -11.21
CA ALA A 127 -22.03 -21.01 -10.71
C ALA A 127 -20.97 -20.02 -11.15
N TYR A 128 -19.72 -20.48 -11.14
CA TYR A 128 -18.59 -19.66 -11.53
C TYR A 128 -18.70 -19.20 -12.97
N ASN A 129 -18.95 -20.12 -13.91
CA ASN A 129 -19.06 -19.72 -15.31
C ASN A 129 -20.27 -18.84 -15.52
N LEU A 130 -21.33 -19.05 -14.74
CA LEU A 130 -22.48 -18.17 -14.88
C LEU A 130 -21.95 -16.76 -14.57
N GLY A 131 -21.12 -16.67 -13.54
CA GLY A 131 -20.54 -15.40 -13.17
C GLY A 131 -19.77 -14.74 -14.30
N LEU A 132 -18.87 -15.50 -14.94
CA LEU A 132 -18.07 -14.98 -16.04
C LEU A 132 -18.98 -14.58 -17.19
N GLU A 133 -20.06 -15.33 -17.36
CA GLU A 133 -21.02 -15.08 -18.41
C GLU A 133 -21.70 -13.73 -18.13
N ILE A 134 -21.96 -13.45 -16.86
CA ILE A 134 -22.58 -12.20 -16.46
C ILE A 134 -21.63 -11.00 -16.57
N LYS A 135 -20.35 -11.18 -16.18
CA LYS A 135 -19.37 -10.10 -16.27
C LYS A 135 -19.19 -9.65 -17.71
N ASN A 136 -19.26 -10.61 -18.63
CA ASN A 136 -19.10 -10.29 -20.05
C ASN A 136 -20.28 -9.58 -20.64
N LYS A 137 -21.49 -10.01 -20.29
CA LYS A 137 -22.69 -9.41 -20.83
C LYS A 137 -22.71 -7.91 -20.55
N ILE A 138 -22.53 -7.58 -19.28
CA ILE A 138 -22.53 -6.20 -18.82
C ILE A 138 -21.39 -5.41 -19.46
N LEU A 139 -20.27 -6.08 -19.68
CA LEU A 139 -19.09 -5.47 -20.27
C LEU A 139 -19.29 -5.15 -21.75
N GLU A 140 -20.09 -5.95 -22.45
CA GLU A 140 -20.33 -5.71 -23.87
C GLU A 140 -21.58 -4.89 -24.14
N LYS A 141 -22.52 -4.95 -23.20
CA LYS A 141 -23.77 -4.21 -23.34
C LYS A 141 -23.64 -2.78 -22.83
N GLU A 142 -22.92 -2.62 -21.72
CA GLU A 142 -22.76 -1.30 -21.13
C GLU A 142 -21.31 -0.85 -20.98
N LYS A 143 -20.38 -1.80 -21.06
CA LYS A 143 -18.96 -1.50 -20.94
C LYS A 143 -18.57 -1.10 -19.51
N ILE A 144 -19.28 -1.64 -18.54
CA ILE A 144 -19.02 -1.36 -17.12
C ILE A 144 -18.44 -2.61 -16.48
N THR A 145 -17.27 -2.54 -15.83
CA THR A 145 -16.75 -3.73 -15.18
C THR A 145 -17.38 -3.85 -13.81
N VAL A 146 -17.57 -5.10 -13.38
CA VAL A 146 -18.18 -5.38 -12.09
C VAL A 146 -17.50 -6.57 -11.43
N THR A 147 -17.68 -6.70 -10.12
CA THR A 147 -17.11 -7.81 -9.35
C THR A 147 -18.25 -8.74 -8.94
N VAL A 148 -18.02 -10.05 -9.04
CA VAL A 148 -19.00 -11.06 -8.65
C VAL A 148 -18.44 -11.94 -7.54
N GLY A 149 -19.25 -12.24 -6.53
CA GLY A 149 -18.83 -13.11 -5.46
C GLY A 149 -19.85 -14.21 -5.33
N ILE A 150 -19.40 -15.45 -5.14
CA ILE A 150 -20.33 -16.57 -5.03
C ILE A 150 -20.15 -17.44 -3.79
N SER A 151 -21.27 -17.77 -3.13
CA SER A 151 -21.24 -18.59 -1.92
C SER A 151 -22.62 -19.14 -1.54
N LYS A 152 -22.73 -19.70 -0.34
CA LYS A 152 -23.96 -20.33 0.14
C LYS A 152 -25.08 -19.45 0.70
N ASN A 153 -24.77 -18.20 1.07
CA ASN A 153 -25.79 -17.30 1.58
C ASN A 153 -25.44 -15.86 1.21
N LYS A 154 -26.35 -14.94 1.51
CA LYS A 154 -26.12 -13.54 1.18
C LYS A 154 -24.88 -12.88 1.78
N VAL A 155 -24.59 -13.15 3.05
CA VAL A 155 -23.44 -12.51 3.67
C VAL A 155 -22.10 -12.90 3.02
N PHE A 156 -21.88 -14.19 2.85
CA PHE A 156 -20.62 -14.65 2.29
C PHE A 156 -20.47 -14.31 0.82
N ALA A 157 -21.59 -14.11 0.14
CA ALA A 157 -21.56 -13.74 -1.27
C ALA A 157 -21.00 -12.32 -1.33
N LYS A 158 -21.44 -11.46 -0.42
CA LYS A 158 -20.95 -10.10 -0.38
C LYS A 158 -19.46 -10.12 -0.05
N ILE A 159 -19.14 -10.70 1.10
CA ILE A 159 -17.75 -10.80 1.51
C ILE A 159 -16.85 -11.21 0.33
N ALA A 160 -17.27 -12.25 -0.38
CA ALA A 160 -16.49 -12.75 -1.52
C ALA A 160 -16.18 -11.63 -2.51
N ALA A 161 -17.22 -10.89 -2.91
CA ALA A 161 -17.03 -9.81 -3.87
C ALA A 161 -16.09 -8.72 -3.38
N ASP A 162 -16.06 -8.48 -2.07
CA ASP A 162 -15.15 -7.45 -1.56
C ASP A 162 -13.72 -7.95 -1.74
N MET A 163 -13.54 -9.23 -1.49
CA MET A 163 -12.22 -9.82 -1.61
C MET A 163 -11.71 -9.86 -3.04
N ALA A 164 -12.63 -9.89 -4.01
CA ALA A 164 -12.25 -9.95 -5.41
C ALA A 164 -12.16 -8.60 -6.12
N LYS A 165 -12.59 -7.54 -5.44
CA LYS A 165 -12.52 -6.22 -6.08
C LYS A 165 -11.09 -5.77 -6.28
N PRO A 166 -10.81 -5.08 -7.38
CA PRO A 166 -11.72 -4.69 -8.48
C PRO A 166 -11.75 -5.68 -9.65
N ASN A 167 -12.82 -5.58 -10.44
CA ASN A 167 -13.00 -6.41 -11.62
C ASN A 167 -12.67 -7.89 -11.44
N GLY A 168 -13.22 -8.50 -10.39
CA GLY A 168 -12.94 -9.90 -10.16
C GLY A 168 -14.17 -10.78 -10.04
N ILE A 169 -13.95 -12.01 -9.62
CA ILE A 169 -15.00 -13.00 -9.40
C ILE A 169 -14.40 -13.97 -8.40
N LYS A 170 -15.19 -14.38 -7.41
CA LYS A 170 -14.65 -15.27 -6.39
C LYS A 170 -15.70 -16.15 -5.75
N VAL A 171 -15.43 -17.46 -5.77
CA VAL A 171 -16.32 -18.42 -5.16
C VAL A 171 -15.77 -18.79 -3.80
N ILE A 172 -16.65 -18.87 -2.81
CA ILE A 172 -16.27 -19.27 -1.47
C ILE A 172 -17.12 -20.48 -1.17
N ASP A 173 -16.51 -21.67 -1.31
CA ASP A 173 -17.18 -22.93 -1.09
C ASP A 173 -17.30 -23.28 0.39
N ASP A 174 -18.09 -24.30 0.69
CA ASP A 174 -18.32 -24.75 2.06
C ASP A 174 -17.07 -24.92 2.89
N GLU A 175 -15.98 -25.40 2.28
CA GLU A 175 -14.73 -25.56 3.01
C GLU A 175 -14.14 -24.17 3.24
N GLU A 176 -14.13 -23.37 2.19
CA GLU A 176 -13.58 -22.01 2.28
C GLU A 176 -14.36 -21.19 3.30
N VAL A 177 -15.62 -21.55 3.52
CA VAL A 177 -16.45 -20.84 4.48
C VAL A 177 -16.02 -21.15 5.91
N LYS A 178 -15.82 -22.44 6.19
CA LYS A 178 -15.39 -22.88 7.52
C LYS A 178 -14.11 -22.16 7.91
N ARG A 179 -13.21 -22.01 6.95
CA ARG A 179 -11.93 -21.34 7.20
C ARG A 179 -12.11 -19.83 7.41
N LEU A 180 -13.12 -19.25 6.77
CA LEU A 180 -13.36 -17.83 6.91
C LEU A 180 -13.96 -17.52 8.26
N ILE A 181 -14.70 -18.48 8.80
CA ILE A 181 -15.30 -18.28 10.11
C ILE A 181 -14.17 -18.20 11.14
N ARG A 182 -13.06 -18.89 10.85
CA ARG A 182 -11.91 -18.89 11.74
C ARG A 182 -10.97 -17.71 11.48
N GLU A 183 -10.65 -17.45 10.22
CA GLU A 183 -9.80 -16.33 9.86
C GLU A 183 -10.74 -15.13 9.80
N LEU A 184 -10.51 -14.23 8.84
CA LEU A 184 -11.34 -13.03 8.64
C LEU A 184 -11.61 -12.16 9.87
N ASP A 185 -11.08 -10.94 9.81
CA ASP A 185 -11.27 -9.97 10.87
C ASP A 185 -12.77 -9.68 10.98
N ILE A 186 -13.32 -9.84 12.19
CA ILE A 186 -14.75 -9.62 12.44
C ILE A 186 -15.23 -8.24 11.95
N ALA A 187 -14.31 -7.29 11.85
CA ALA A 187 -14.66 -5.95 11.38
C ALA A 187 -15.02 -5.94 9.89
N ASP A 188 -14.68 -7.02 9.20
CA ASP A 188 -14.98 -7.14 7.78
C ASP A 188 -16.35 -7.77 7.51
N VAL A 189 -17.13 -8.01 8.56
CA VAL A 189 -18.44 -8.60 8.40
C VAL A 189 -19.52 -7.55 8.15
N PRO A 190 -20.30 -7.71 7.07
CA PRO A 190 -21.37 -6.78 6.70
C PRO A 190 -22.34 -6.47 7.86
N GLY A 191 -22.43 -5.21 8.23
CA GLY A 191 -23.31 -4.81 9.31
C GLY A 191 -22.54 -4.51 10.58
N ILE A 192 -21.21 -4.62 10.49
CA ILE A 192 -20.33 -4.37 11.60
C ILE A 192 -19.49 -3.13 11.31
N GLY A 193 -19.87 -2.03 11.95
CA GLY A 193 -19.16 -0.77 11.75
C GLY A 193 -18.13 -0.54 12.83
N ASN A 194 -17.61 0.68 12.90
CA ASN A 194 -16.59 0.99 13.87
C ASN A 194 -16.98 0.87 15.32
N ILE A 195 -18.14 1.39 15.70
CA ILE A 195 -18.49 1.29 17.12
C ILE A 195 -18.76 -0.16 17.50
N THR A 196 -19.47 -0.90 16.64
CA THR A 196 -19.77 -2.29 16.94
C THR A 196 -18.49 -3.10 17.01
N ALA A 197 -17.57 -2.83 16.09
CA ALA A 197 -16.30 -3.55 16.04
C ALA A 197 -15.50 -3.31 17.31
N GLU A 198 -15.64 -2.11 17.89
CA GLU A 198 -14.93 -1.78 19.11
C GLU A 198 -15.55 -2.46 20.32
N LYS A 199 -16.87 -2.53 20.35
CA LYS A 199 -17.56 -3.18 21.44
C LYS A 199 -17.21 -4.65 21.46
N LEU A 200 -16.90 -5.21 20.30
CA LEU A 200 -16.55 -6.62 20.19
C LEU A 200 -15.09 -6.86 20.61
N LYS A 201 -14.24 -5.85 20.40
CA LYS A 201 -12.84 -5.97 20.77
C LYS A 201 -12.74 -6.03 22.31
N LYS A 202 -13.57 -5.24 22.98
CA LYS A 202 -13.59 -5.21 24.43
C LYS A 202 -14.02 -6.55 25.01
N LEU A 203 -14.52 -7.42 24.14
CA LEU A 203 -14.97 -8.74 24.54
C LEU A 203 -14.01 -9.81 24.04
N GLY A 204 -12.91 -9.36 23.44
CA GLY A 204 -11.93 -10.29 22.92
C GLY A 204 -12.44 -11.07 21.72
N ILE A 205 -13.33 -10.46 20.94
CA ILE A 205 -13.88 -11.10 19.76
C ILE A 205 -13.25 -10.50 18.51
N ASN A 206 -12.49 -11.32 17.78
CA ASN A 206 -11.79 -10.90 16.58
C ASN A 206 -12.23 -11.64 15.33
N LYS A 207 -12.74 -12.84 15.53
CA LYS A 207 -13.21 -13.67 14.43
C LYS A 207 -14.63 -14.09 14.77
N LEU A 208 -15.37 -14.53 13.76
CA LEU A 208 -16.73 -14.97 13.95
C LEU A 208 -16.84 -16.15 14.89
N VAL A 209 -15.86 -17.04 14.81
CA VAL A 209 -15.81 -18.24 15.65
C VAL A 209 -15.80 -17.86 17.13
N ASP A 210 -15.05 -16.81 17.47
CA ASP A 210 -14.94 -16.32 18.84
C ASP A 210 -16.31 -16.01 19.45
N THR A 211 -17.30 -15.80 18.58
CA THR A 211 -18.66 -15.47 19.00
C THR A 211 -19.39 -16.62 19.67
N LEU A 212 -18.93 -17.83 19.37
CA LEU A 212 -19.54 -19.02 19.95
C LEU A 212 -19.10 -19.20 21.39
N SER A 213 -17.92 -18.66 21.72
CA SER A 213 -17.37 -18.76 23.06
C SER A 213 -17.96 -17.85 24.13
N ILE A 214 -18.44 -16.68 23.73
CA ILE A 214 -19.02 -15.76 24.72
C ILE A 214 -20.44 -16.19 25.09
N GLU A 215 -20.84 -15.90 26.33
CA GLU A 215 -22.19 -16.24 26.77
C GLU A 215 -23.12 -15.34 25.98
N PHE A 216 -24.21 -15.90 25.46
CA PHE A 216 -25.15 -15.11 24.65
C PHE A 216 -25.62 -13.80 25.27
N ASP A 217 -25.95 -13.83 26.55
CA ASP A 217 -26.42 -12.64 27.22
C ASP A 217 -25.35 -11.58 27.41
N LYS A 218 -24.09 -11.96 27.22
CA LYS A 218 -23.00 -10.99 27.35
C LYS A 218 -22.79 -10.30 26.01
N LEU A 219 -23.24 -10.96 24.94
CA LEU A 219 -23.16 -10.42 23.58
C LEU A 219 -24.39 -9.55 23.35
N LYS A 220 -25.51 -10.05 23.85
CA LYS A 220 -26.79 -9.36 23.73
C LYS A 220 -26.75 -8.05 24.51
N GLY A 221 -26.15 -8.08 25.69
CA GLY A 221 -26.07 -6.88 26.51
C GLY A 221 -25.14 -5.83 25.91
N MET A 222 -24.07 -6.29 25.29
CA MET A 222 -23.07 -5.41 24.68
C MET A 222 -23.44 -4.87 23.29
N ILE A 223 -23.95 -5.73 22.40
CA ILE A 223 -24.30 -5.31 21.04
C ILE A 223 -25.73 -5.52 20.59
N GLY A 224 -26.68 -5.59 21.52
CA GLY A 224 -28.06 -5.80 21.14
C GLY A 224 -28.30 -7.22 20.68
N GLU A 225 -29.54 -7.65 20.77
CA GLU A 225 -29.93 -9.01 20.38
C GLU A 225 -29.86 -9.35 18.88
N ALA A 226 -30.16 -8.37 18.04
CA ALA A 226 -30.14 -8.57 16.58
C ALA A 226 -28.76 -8.99 16.09
N LYS A 227 -27.77 -8.13 16.31
CA LYS A 227 -26.40 -8.38 15.90
C LYS A 227 -25.89 -9.67 16.52
N ALA A 228 -26.36 -9.98 17.73
CA ALA A 228 -25.98 -11.19 18.42
C ALA A 228 -26.40 -12.41 17.60
N LYS A 229 -27.72 -12.59 17.45
CA LYS A 229 -28.25 -13.71 16.66
C LYS A 229 -27.62 -13.75 15.27
N TYR A 230 -27.62 -12.62 14.59
CA TYR A 230 -27.05 -12.51 13.26
C TYR A 230 -25.62 -13.09 13.26
N LEU A 231 -24.72 -12.52 14.05
CA LEU A 231 -23.34 -13.01 14.11
C LEU A 231 -23.23 -14.46 14.57
N ILE A 232 -24.13 -14.89 15.47
CA ILE A 232 -24.10 -16.25 15.96
C ILE A 232 -24.37 -17.26 14.84
N SER A 233 -25.53 -17.17 14.20
CA SER A 233 -25.85 -18.11 13.13
C SER A 233 -24.80 -18.04 12.02
N LEU A 234 -24.20 -16.88 11.84
CA LEU A 234 -23.17 -16.76 10.82
C LEU A 234 -22.03 -17.71 11.18
N ALA A 235 -21.53 -17.61 12.41
CA ALA A 235 -20.43 -18.46 12.88
C ALA A 235 -20.81 -19.94 12.84
N ARG A 236 -22.07 -20.23 13.12
CA ARG A 236 -22.60 -21.60 13.13
C ARG A 236 -22.98 -22.10 11.73
N ASP A 237 -22.68 -21.30 10.71
CA ASP A 237 -23.01 -21.65 9.33
C ASP A 237 -24.49 -22.09 9.22
N GLU A 238 -25.37 -21.24 9.73
CA GLU A 238 -26.80 -21.50 9.71
C GLU A 238 -27.56 -20.29 9.20
N TYR A 239 -26.81 -19.26 8.82
CA TYR A 239 -27.41 -18.05 8.29
C TYR A 239 -28.06 -18.36 6.95
N ASN A 240 -29.36 -18.18 6.88
CA ASN A 240 -30.06 -18.45 5.66
C ASN A 240 -31.21 -17.47 5.54
N GLU A 241 -30.96 -16.38 4.84
CA GLU A 241 -31.99 -15.38 4.63
C GLU A 241 -32.34 -15.39 3.16
N PRO A 242 -33.64 -15.52 2.85
CA PRO A 242 -34.09 -15.55 1.47
C PRO A 242 -33.80 -14.27 0.69
N ILE A 243 -33.70 -14.44 -0.63
CA ILE A 243 -33.48 -13.33 -1.53
C ILE A 243 -34.88 -12.81 -1.82
N ARG A 244 -35.16 -11.56 -1.49
CA ARG A 244 -36.48 -11.01 -1.76
C ARG A 244 -36.42 -9.68 -2.45
N THR A 245 -37.47 -9.37 -3.20
CA THR A 245 -37.55 -8.10 -3.90
C THR A 245 -37.82 -7.05 -2.84
N ARG A 246 -37.05 -5.99 -2.84
CA ARG A 246 -37.24 -4.94 -1.85
C ARG A 246 -38.30 -3.92 -2.25
N VAL A 247 -38.97 -3.39 -1.24
CA VAL A 247 -40.02 -2.41 -1.43
C VAL A 247 -39.70 -1.18 -0.59
N ARG A 248 -39.70 -0.01 -1.22
CA ARG A 248 -39.40 1.23 -0.51
C ARG A 248 -40.29 1.45 0.70
N LYS A 249 -39.68 1.75 1.82
CA LYS A 249 -40.39 2.00 3.07
C LYS A 249 -40.48 3.50 3.33
N SER A 250 -39.57 4.27 2.74
CA SER A 250 -39.55 5.71 2.93
C SER A 250 -38.95 6.47 1.74
N ILE A 251 -39.35 7.73 1.60
CA ILE A 251 -38.87 8.58 0.53
C ILE A 251 -38.71 9.98 1.12
N GLY A 252 -37.53 10.56 0.91
CA GLY A 252 -37.28 11.89 1.45
C GLY A 252 -36.34 12.79 0.66
N ARG A 253 -36.06 13.94 1.24
CA ARG A 253 -35.19 14.91 0.62
C ARG A 253 -34.63 15.85 1.70
N ILE A 254 -33.32 16.08 1.70
CA ILE A 254 -32.71 16.99 2.67
C ILE A 254 -31.77 17.88 1.90
N VAL A 255 -31.65 19.13 2.34
CA VAL A 255 -30.77 20.06 1.69
C VAL A 255 -30.03 20.88 2.73
N THR A 256 -28.87 21.38 2.35
CA THR A 256 -28.05 22.21 3.22
C THR A 256 -28.48 23.64 2.97
N MET A 257 -28.71 24.41 4.02
CA MET A 257 -29.12 25.82 3.86
C MET A 257 -27.88 26.64 3.62
N LYS A 258 -28.02 27.81 3.01
CA LYS A 258 -26.86 28.67 2.73
C LYS A 258 -26.11 29.02 4.01
N ARG A 259 -26.83 29.12 5.12
CA ARG A 259 -26.21 29.43 6.41
C ARG A 259 -26.99 28.76 7.54
N ASN A 260 -26.34 28.50 8.66
CA ASN A 260 -27.01 27.90 9.80
C ASN A 260 -28.10 28.85 10.24
N SER A 261 -29.06 28.34 10.98
CA SER A 261 -30.17 29.15 11.41
C SER A 261 -31.10 28.46 12.38
N ARG A 262 -31.92 29.27 13.03
CA ARG A 262 -32.93 28.84 14.00
C ARG A 262 -34.13 29.72 13.75
N ASN A 263 -34.16 30.36 12.59
CA ASN A 263 -35.28 31.23 12.26
C ASN A 263 -36.29 30.56 11.33
N LEU A 264 -37.49 30.37 11.84
CA LEU A 264 -38.56 29.74 11.11
C LEU A 264 -38.81 30.26 9.70
N GLU A 265 -38.95 31.57 9.55
CA GLU A 265 -39.23 32.15 8.24
C GLU A 265 -38.09 32.03 7.25
N GLU A 266 -36.88 31.85 7.76
CA GLU A 266 -35.72 31.72 6.90
C GLU A 266 -35.60 30.28 6.43
N ILE A 267 -36.04 29.37 7.29
CA ILE A 267 -35.98 27.93 7.05
C ILE A 267 -37.14 27.33 6.23
N LYS A 268 -38.33 27.92 6.32
CA LYS A 268 -39.48 27.40 5.59
C LYS A 268 -39.28 27.12 4.10
N PRO A 269 -38.65 28.04 3.36
CA PRO A 269 -38.44 27.83 1.92
C PRO A 269 -37.69 26.57 1.59
N TYR A 270 -36.68 26.26 2.41
CA TYR A 270 -35.90 25.06 2.20
C TYR A 270 -36.80 23.87 2.49
N LEU A 271 -37.56 23.97 3.58
CA LEU A 271 -38.44 22.89 3.96
C LEU A 271 -39.45 22.59 2.86
N PHE A 272 -40.03 23.65 2.31
CA PHE A 272 -41.03 23.50 1.27
C PHE A 272 -40.48 22.94 -0.02
N ARG A 273 -39.25 23.28 -0.37
CA ARG A 273 -38.67 22.73 -1.58
C ARG A 273 -38.54 21.23 -1.39
N ALA A 274 -38.04 20.82 -0.23
CA ALA A 274 -37.88 19.40 0.08
C ALA A 274 -39.23 18.63 0.04
N ILE A 275 -40.32 19.27 0.47
CA ILE A 275 -41.60 18.61 0.44
C ILE A 275 -42.04 18.47 -1.03
N GLU A 276 -41.85 19.54 -1.77
CA GLU A 276 -42.21 19.57 -3.18
C GLU A 276 -41.55 18.43 -3.95
N GLU A 277 -40.26 18.25 -3.72
CA GLU A 277 -39.50 17.22 -4.40
C GLU A 277 -39.77 15.82 -3.90
N SER A 278 -40.04 15.68 -2.61
CA SER A 278 -40.33 14.37 -2.03
C SER A 278 -41.64 13.85 -2.57
N TYR A 279 -42.62 14.74 -2.60
CA TYR A 279 -43.95 14.36 -3.05
C TYR A 279 -43.99 13.97 -4.51
N TYR A 280 -43.03 14.46 -5.28
CA TYR A 280 -42.95 14.11 -6.69
C TYR A 280 -42.33 12.73 -6.80
N LYS A 281 -41.42 12.41 -5.89
CA LYS A 281 -40.76 11.12 -5.89
C LYS A 281 -41.74 10.03 -5.48
N LEU A 282 -42.67 10.38 -4.60
CA LEU A 282 -43.67 9.43 -4.12
C LEU A 282 -44.39 8.72 -5.25
N ASP A 283 -44.63 9.46 -6.32
CA ASP A 283 -45.35 8.96 -7.48
C ASP A 283 -46.75 8.54 -7.03
N LYS A 284 -47.14 7.31 -7.29
CA LYS A 284 -48.48 6.88 -6.91
C LYS A 284 -48.69 6.84 -5.38
N ARG A 285 -47.65 6.47 -4.64
CA ARG A 285 -47.71 6.33 -3.19
C ARG A 285 -48.27 7.46 -2.36
N ILE A 286 -49.12 7.10 -1.41
CA ILE A 286 -49.77 8.02 -0.46
C ILE A 286 -49.29 7.62 0.93
N PRO A 287 -48.56 8.51 1.62
CA PRO A 287 -48.02 8.24 2.98
C PRO A 287 -48.95 8.53 4.16
N LYS A 288 -48.77 7.77 5.24
CA LYS A 288 -49.55 7.99 6.44
C LYS A 288 -48.70 8.58 7.56
N ALA A 289 -47.39 8.65 7.34
CA ALA A 289 -46.51 9.21 8.35
C ALA A 289 -45.56 10.22 7.73
N ILE A 290 -45.15 11.21 8.52
CA ILE A 290 -44.24 12.23 8.06
C ILE A 290 -43.24 12.62 9.13
N HIS A 291 -42.00 12.85 8.74
CA HIS A 291 -40.99 13.23 9.72
C HIS A 291 -40.12 14.37 9.22
N VAL A 292 -39.99 15.41 10.01
CA VAL A 292 -39.15 16.53 9.63
C VAL A 292 -37.81 16.22 10.25
N VAL A 293 -36.78 16.14 9.43
CA VAL A 293 -35.44 15.81 9.88
C VAL A 293 -34.50 16.97 9.75
N ALA A 294 -33.70 17.20 10.79
CA ALA A 294 -32.75 18.30 10.76
C ALA A 294 -31.37 17.89 11.26
N VAL A 295 -30.35 18.46 10.62
CA VAL A 295 -28.97 18.22 11.01
C VAL A 295 -28.53 19.51 11.68
N THR A 296 -28.18 19.43 12.95
CA THR A 296 -27.74 20.60 13.71
C THR A 296 -26.42 21.14 13.18
N GLU A 297 -26.01 22.30 13.68
CA GLU A 297 -24.76 22.90 13.25
C GLU A 297 -23.57 21.99 13.50
N ASP A 298 -23.72 21.04 14.43
CA ASP A 298 -22.66 20.10 14.75
C ASP A 298 -22.94 18.71 14.19
N LEU A 299 -23.47 18.67 12.97
CA LEU A 299 -23.82 17.43 12.29
C LEU A 299 -24.58 16.43 13.14
N ASP A 300 -25.31 16.93 14.13
CA ASP A 300 -26.13 16.09 14.98
C ASP A 300 -27.49 16.05 14.25
N ILE A 301 -28.15 14.90 14.23
CA ILE A 301 -29.43 14.82 13.56
C ILE A 301 -30.60 14.60 14.53
N VAL A 302 -31.64 15.39 14.35
CA VAL A 302 -32.84 15.31 15.17
C VAL A 302 -34.08 15.34 14.27
N SER A 303 -35.17 14.77 14.76
CA SER A 303 -36.39 14.74 13.97
C SER A 303 -37.64 14.69 14.81
N ARG A 304 -38.76 15.05 14.20
CA ARG A 304 -40.05 15.04 14.87
C ARG A 304 -41.01 14.67 13.77
N GLY A 305 -41.85 13.67 14.01
CA GLY A 305 -42.77 13.26 12.99
C GLY A 305 -44.13 12.95 13.55
N ARG A 306 -45.04 12.50 12.68
CA ARG A 306 -46.37 12.18 13.12
C ARG A 306 -47.04 11.22 12.15
N THR A 307 -47.72 10.21 12.69
CA THR A 307 -48.43 9.26 11.83
C THR A 307 -49.93 9.57 11.90
N PHE A 308 -50.56 9.67 10.74
CA PHE A 308 -52.00 9.97 10.67
C PHE A 308 -52.88 8.75 10.44
N PRO A 309 -54.16 8.83 10.82
CA PRO A 309 -55.11 7.73 10.64
C PRO A 309 -55.28 7.39 9.17
N HIS A 310 -54.94 8.34 8.30
N HIS A 310 -54.91 8.31 8.29
CA HIS A 310 -55.09 8.13 6.86
CA HIS A 310 -55.02 8.07 6.87
C HIS A 310 -53.96 8.79 6.09
C HIS A 310 -53.93 8.76 6.08
N GLY A 311 -54.15 8.88 4.77
CA GLY A 311 -53.18 9.51 3.91
C GLY A 311 -52.93 10.98 4.16
N ILE A 312 -51.75 11.45 3.75
CA ILE A 312 -51.32 12.84 3.91
C ILE A 312 -51.19 13.48 2.54
N SER A 313 -52.02 14.48 2.25
CA SER A 313 -51.94 15.17 0.97
C SER A 313 -50.81 16.20 1.06
N LYS A 314 -50.31 16.66 -0.09
CA LYS A 314 -49.23 17.64 -0.09
C LYS A 314 -49.50 18.85 0.82
N GLU A 315 -50.70 19.40 0.75
CA GLU A 315 -51.07 20.55 1.57
C GLU A 315 -50.90 20.26 3.05
N THR A 316 -51.42 19.12 3.47
CA THR A 316 -51.34 18.72 4.86
C THR A 316 -49.87 18.63 5.31
N ALA A 317 -49.00 18.14 4.44
CA ALA A 317 -47.58 18.03 4.77
C ALA A 317 -46.98 19.43 5.03
N TYR A 318 -47.32 20.39 4.18
CA TYR A 318 -46.82 21.75 4.38
C TYR A 318 -47.16 22.19 5.81
N SER A 319 -48.44 22.13 6.16
CA SER A 319 -48.90 22.53 7.49
C SER A 319 -48.27 21.75 8.62
N GLU A 320 -48.36 20.43 8.56
CA GLU A 320 -47.81 19.60 9.61
C GLU A 320 -46.31 19.79 9.76
N SER A 321 -45.59 19.87 8.64
CA SER A 321 -44.13 20.05 8.67
C SER A 321 -43.72 21.30 9.43
N VAL A 322 -44.48 22.38 9.25
CA VAL A 322 -44.17 23.61 9.96
C VAL A 322 -44.34 23.42 11.47
N LYS A 323 -45.42 22.76 11.88
CA LYS A 323 -45.63 22.52 13.30
C LYS A 323 -44.52 21.65 13.85
N LEU A 324 -44.11 20.65 13.08
CA LEU A 324 -43.04 19.76 13.53
C LEU A 324 -41.71 20.52 13.62
N LEU A 325 -41.45 21.40 12.66
CA LEU A 325 -40.21 22.19 12.67
C LEU A 325 -40.17 23.07 13.92
N GLN A 326 -41.31 23.69 14.24
N GLN A 326 -41.30 23.70 14.24
CA GLN A 326 -41.42 24.57 15.40
CA GLN A 326 -41.37 24.57 15.41
C GLN A 326 -41.15 23.76 16.66
C GLN A 326 -41.11 23.74 16.66
N LYS A 327 -41.50 22.47 16.61
CA LYS A 327 -41.30 21.59 17.74
C LYS A 327 -39.80 21.40 17.93
N ILE A 328 -39.09 21.20 16.82
CA ILE A 328 -37.65 21.00 16.89
C ILE A 328 -36.98 22.24 17.44
N LEU A 329 -37.38 23.39 16.90
CA LEU A 329 -36.84 24.66 17.33
C LEU A 329 -37.06 24.86 18.83
N GLU A 330 -38.27 24.54 19.29
CA GLU A 330 -38.62 24.69 20.69
C GLU A 330 -37.83 23.79 21.62
N GLU A 331 -37.69 22.51 21.25
CA GLU A 331 -36.98 21.56 22.08
C GLU A 331 -35.49 21.45 21.90
N ASP A 332 -34.93 22.14 20.91
CA ASP A 332 -33.49 22.10 20.69
C ASP A 332 -32.99 23.53 20.55
N GLU A 333 -31.94 23.85 21.30
CA GLU A 333 -31.38 25.19 21.33
C GLU A 333 -30.40 25.57 20.22
N ARG A 334 -29.75 24.59 19.61
CA ARG A 334 -28.78 24.90 18.57
C ARG A 334 -29.40 25.23 17.22
N LYS A 335 -28.55 25.65 16.29
CA LYS A 335 -28.99 26.00 14.95
C LYS A 335 -29.07 24.78 14.07
N ILE A 336 -29.67 24.95 12.90
CA ILE A 336 -29.83 23.86 11.95
C ILE A 336 -29.00 24.15 10.71
N ARG A 337 -28.36 23.12 10.18
CA ARG A 337 -27.54 23.24 8.99
C ARG A 337 -28.26 22.64 7.78
N ARG A 338 -28.85 21.47 7.96
CA ARG A 338 -29.58 20.82 6.89
C ARG A 338 -31.01 20.56 7.36
N ILE A 339 -31.97 20.63 6.45
CA ILE A 339 -33.37 20.41 6.80
C ILE A 339 -34.06 19.62 5.70
N GLY A 340 -35.04 18.82 6.08
CA GLY A 340 -35.75 18.03 5.09
C GLY A 340 -36.88 17.21 5.70
N VAL A 341 -37.46 16.32 4.89
CA VAL A 341 -38.55 15.49 5.31
C VAL A 341 -38.41 14.06 4.84
N ARG A 342 -39.18 13.19 5.47
N ARG A 342 -39.17 13.17 5.45
CA ARG A 342 -39.19 11.78 5.15
CA ARG A 342 -39.15 11.77 5.08
C ARG A 342 -40.64 11.31 5.20
C ARG A 342 -40.60 11.28 5.21
N PHE A 343 -41.09 10.59 4.18
CA PHE A 343 -42.45 10.08 4.15
C PHE A 343 -42.37 8.58 4.26
N SER A 344 -43.31 7.99 4.99
CA SER A 344 -43.31 6.55 5.15
C SER A 344 -44.72 6.05 5.35
N LYS A 345 -44.85 4.75 5.59
CA LYS A 345 -46.14 4.08 5.78
C LYS A 345 -47.06 4.40 4.60
N PHE A 346 -46.63 3.97 3.42
CA PHE A 346 -47.38 4.18 2.19
C PHE A 346 -48.58 3.28 2.19
N ILE A 347 -49.71 3.83 1.74
CA ILE A 347 -50.95 3.08 1.66
C ILE A 347 -50.84 2.09 0.53
N GLU A 348 -51.33 0.94 0.70
N HIS B 6 23.46 -31.39 -2.01
CA HIS B 6 23.34 -29.98 -1.55
C HIS B 6 23.18 -29.07 -2.78
N MET B 7 23.44 -27.79 -2.62
CA MET B 7 23.34 -26.85 -3.74
C MET B 7 24.68 -26.19 -4.05
N ILE B 8 24.76 -25.60 -5.23
CA ILE B 8 25.96 -24.90 -5.64
C ILE B 8 25.56 -23.50 -6.03
N VAL B 9 26.25 -22.53 -5.47
CA VAL B 9 25.97 -21.14 -5.77
C VAL B 9 27.14 -20.52 -6.47
N LEU B 10 26.87 -19.79 -7.54
CA LEU B 10 27.93 -19.10 -8.27
C LEU B 10 27.68 -17.61 -8.07
N PHE B 11 28.63 -16.94 -7.45
CA PHE B 11 28.52 -15.51 -7.17
C PHE B 11 29.41 -14.75 -8.14
N VAL B 12 28.91 -13.63 -8.65
CA VAL B 12 29.68 -12.83 -9.57
C VAL B 12 29.74 -11.41 -9.02
N ASP B 13 30.95 -10.83 -9.03
CA ASP B 13 31.15 -9.49 -8.53
C ASP B 13 32.13 -8.75 -9.45
N PHE B 14 31.71 -7.61 -10.00
CA PHE B 14 32.57 -6.89 -10.94
C PHE B 14 33.77 -6.18 -10.29
N ASP B 15 34.91 -6.16 -10.97
CA ASP B 15 36.12 -5.53 -10.46
C ASP B 15 36.08 -4.01 -10.54
N TYR B 16 36.53 -3.32 -9.49
CA TYR B 16 36.54 -1.86 -9.40
C TYR B 16 35.57 -1.25 -10.44
N PHE B 17 34.33 -1.74 -10.40
CA PHE B 17 33.27 -1.38 -11.36
C PHE B 17 33.12 0.03 -11.92
N TYR B 18 32.75 1.03 -11.10
CA TYR B 18 32.59 2.38 -11.63
C TYR B 18 33.88 2.81 -12.33
N ALA B 19 35.00 2.51 -11.70
CA ALA B 19 36.30 2.87 -12.25
C ALA B 19 36.54 2.12 -13.55
N GLN B 20 36.31 0.81 -13.55
CA GLN B 20 36.53 0.01 -14.75
C GLN B 20 35.65 0.48 -15.90
N VAL B 21 34.41 0.84 -15.61
CA VAL B 21 33.52 1.31 -16.66
C VAL B 21 34.15 2.53 -17.31
N GLU B 22 34.60 3.44 -16.46
CA GLU B 22 35.26 4.65 -16.94
C GLU B 22 36.44 4.33 -17.86
N GLU B 23 37.24 3.33 -17.49
CA GLU B 23 38.38 2.95 -18.30
C GLU B 23 37.98 2.29 -19.63
N VAL B 24 36.79 1.75 -19.69
CA VAL B 24 36.33 1.11 -20.92
C VAL B 24 35.87 2.17 -21.92
N LEU B 25 35.28 3.24 -21.41
CA LEU B 25 34.82 4.34 -22.25
C LEU B 25 35.96 5.30 -22.60
N ASN B 26 37.05 5.21 -21.86
CA ASN B 26 38.22 6.04 -22.11
C ASN B 26 39.46 5.25 -21.72
N PRO B 27 39.87 4.30 -22.60
CA PRO B 27 41.03 3.42 -22.43
C PRO B 27 42.37 4.10 -22.13
N SER B 28 42.41 5.42 -22.26
CA SER B 28 43.65 6.11 -21.95
C SER B 28 43.84 6.21 -20.44
N LEU B 29 42.85 5.74 -19.69
CA LEU B 29 42.93 5.77 -18.23
C LEU B 29 43.64 4.54 -17.71
N LYS B 30 43.65 3.48 -18.52
CA LYS B 30 44.29 2.24 -18.13
C LYS B 30 45.74 2.45 -17.70
N GLY B 31 46.11 1.97 -16.52
CA GLY B 31 47.48 2.11 -16.08
C GLY B 31 47.70 3.08 -14.95
N LYS B 32 47.06 4.24 -15.03
CA LYS B 32 47.20 5.25 -14.01
C LYS B 32 46.14 5.05 -12.93
N PRO B 33 46.38 5.58 -11.73
CA PRO B 33 45.44 5.44 -10.62
C PRO B 33 44.18 6.23 -10.95
N VAL B 34 43.03 5.67 -10.63
CA VAL B 34 41.79 6.35 -10.90
C VAL B 34 40.88 6.29 -9.69
N VAL B 35 40.34 7.45 -9.33
CA VAL B 35 39.46 7.55 -8.19
C VAL B 35 38.14 8.18 -8.64
N VAL B 36 37.07 7.39 -8.60
CA VAL B 36 35.75 7.88 -8.99
C VAL B 36 35.15 8.50 -7.73
N CYS B 37 34.66 9.73 -7.86
CA CYS B 37 34.14 10.42 -6.69
C CYS B 37 32.75 11.00 -6.72
N VAL B 38 32.25 11.27 -5.51
CA VAL B 38 30.95 11.87 -5.31
C VAL B 38 31.22 13.25 -4.75
N PHE B 39 31.09 14.28 -5.59
CA PHE B 39 31.32 15.66 -5.15
C PHE B 39 30.03 16.23 -4.56
N SER B 40 30.05 16.61 -3.29
CA SER B 40 28.85 17.14 -2.65
C SER B 40 28.49 18.59 -3.03
N GLY B 41 29.40 19.29 -3.70
CA GLY B 41 29.13 20.65 -4.12
C GLY B 41 29.46 21.74 -3.13
N ARG B 42 29.64 21.38 -1.86
CA ARG B 42 29.97 22.34 -0.83
C ARG B 42 31.13 23.17 -1.38
N PHE B 43 32.32 22.58 -1.36
CA PHE B 43 33.49 23.26 -1.89
C PHE B 43 33.90 22.42 -3.08
N GLU B 44 34.78 22.95 -3.92
CA GLU B 44 35.26 22.16 -5.02
C GLU B 44 36.07 21.12 -4.27
N ASP B 45 35.87 19.84 -4.59
CA ASP B 45 36.56 18.70 -3.98
C ASP B 45 36.15 18.20 -2.58
N SER B 46 34.98 18.61 -2.09
CA SER B 46 34.51 18.06 -0.81
C SER B 46 33.70 16.84 -1.26
N GLY B 47 33.82 15.72 -0.57
CA GLY B 47 33.07 14.54 -0.97
C GLY B 47 33.71 13.22 -0.56
N ALA B 48 33.21 12.12 -1.14
CA ALA B 48 33.73 10.81 -0.80
C ALA B 48 34.18 10.00 -2.01
N VAL B 49 34.93 8.93 -1.74
CA VAL B 49 35.41 8.06 -2.81
C VAL B 49 34.40 6.93 -3.02
N ALA B 50 33.88 6.81 -4.24
CA ALA B 50 32.94 5.73 -4.55
C ALA B 50 33.77 4.49 -4.80
N THR B 51 34.84 4.65 -5.59
CA THR B 51 35.78 3.59 -5.92
C THR B 51 37.08 4.10 -6.48
N ALA B 52 38.07 3.22 -6.50
CA ALA B 52 39.37 3.54 -7.04
C ALA B 52 39.80 2.25 -7.67
N ASN B 53 40.62 2.30 -8.71
CA ASN B 53 41.05 1.06 -9.30
C ASN B 53 42.13 0.46 -8.40
N TYR B 54 42.64 -0.70 -8.78
CA TYR B 54 43.63 -1.39 -7.97
C TYR B 54 44.98 -0.68 -7.91
N GLU B 55 45.30 0.08 -8.94
CA GLU B 55 46.55 0.83 -8.95
C GLU B 55 46.50 1.79 -7.76
N ALA B 56 45.38 2.51 -7.62
CA ALA B 56 45.21 3.48 -6.55
C ALA B 56 45.04 2.80 -5.19
N ARG B 57 44.49 1.59 -5.16
CA ARG B 57 44.31 0.95 -3.86
C ARG B 57 45.70 0.63 -3.31
N LYS B 58 46.68 0.57 -4.19
CA LYS B 58 48.04 0.26 -3.78
C LYS B 58 48.63 1.35 -2.91
N PHE B 59 48.15 2.58 -3.05
CA PHE B 59 48.63 3.70 -2.25
C PHE B 59 47.73 3.99 -1.03
N GLY B 60 46.71 3.18 -0.84
CA GLY B 60 45.83 3.39 0.30
C GLY B 60 44.45 3.98 0.02
N VAL B 61 44.20 4.40 -1.21
CA VAL B 61 42.89 4.96 -1.54
C VAL B 61 41.82 3.86 -1.53
N LYS B 62 40.68 4.15 -0.92
CA LYS B 62 39.63 3.17 -0.88
C LYS B 62 38.24 3.79 -0.72
N ALA B 63 37.26 3.16 -1.34
CA ALA B 63 35.87 3.61 -1.30
C ALA B 63 35.47 4.09 0.08
N GLY B 64 34.80 5.24 0.14
CA GLY B 64 34.34 5.74 1.41
C GLY B 64 35.07 6.87 2.08
N ILE B 65 36.38 7.00 1.83
CA ILE B 65 37.15 8.06 2.46
C ILE B 65 36.94 9.37 1.74
N PRO B 66 37.23 10.50 2.41
CA PRO B 66 37.09 11.85 1.87
C PRO B 66 37.96 12.03 0.64
N ILE B 67 37.50 12.84 -0.30
CA ILE B 67 38.25 13.10 -1.50
C ILE B 67 39.57 13.77 -1.17
N VAL B 68 39.57 14.65 -0.17
CA VAL B 68 40.80 15.33 0.21
C VAL B 68 41.80 14.40 0.88
N GLU B 69 41.32 13.41 1.64
CA GLU B 69 42.28 12.51 2.27
C GLU B 69 42.99 11.76 1.15
N ALA B 70 42.22 11.36 0.14
CA ALA B 70 42.77 10.64 -0.99
C ALA B 70 43.72 11.53 -1.77
N LYS B 71 43.27 12.74 -2.13
CA LYS B 71 44.12 13.65 -2.87
C LYS B 71 45.44 13.95 -2.17
N LYS B 72 45.49 13.71 -0.86
CA LYS B 72 46.74 13.98 -0.16
C LYS B 72 47.64 12.78 0.05
N ILE B 73 47.32 11.67 -0.59
CA ILE B 73 48.17 10.49 -0.52
C ILE B 73 48.40 10.05 -1.97
N LEU B 74 47.66 10.68 -2.88
CA LEU B 74 47.75 10.42 -4.32
C LEU B 74 47.41 11.67 -5.12
N PRO B 75 48.09 12.78 -4.83
CA PRO B 75 47.89 14.07 -5.49
C PRO B 75 47.65 14.02 -6.98
N ASN B 76 48.40 13.17 -7.68
CA ASN B 76 48.25 13.13 -9.13
C ASN B 76 47.59 11.92 -9.79
N ALA B 77 46.46 11.50 -9.23
CA ALA B 77 45.70 10.40 -9.80
C ALA B 77 44.65 11.11 -10.65
N VAL B 78 43.80 10.35 -11.34
CA VAL B 78 42.75 10.99 -12.13
C VAL B 78 41.45 10.91 -11.32
N TYR B 79 40.90 12.06 -10.97
CA TYR B 79 39.66 12.12 -10.20
C TYR B 79 38.47 12.35 -11.11
N LEU B 80 37.52 11.42 -11.06
CA LEU B 80 36.35 11.51 -11.91
C LEU B 80 35.05 11.60 -11.11
N PRO B 81 34.13 12.50 -11.52
CA PRO B 81 32.84 12.65 -10.84
C PRO B 81 31.96 11.47 -11.20
N MET B 82 31.44 10.80 -10.19
CA MET B 82 30.61 9.63 -10.44
C MET B 82 29.46 9.89 -11.40
N ARG B 83 29.26 8.97 -12.33
CA ARG B 83 28.18 9.06 -13.31
C ARG B 83 27.31 7.81 -13.17
N LYS B 84 26.55 7.79 -12.09
CA LYS B 84 25.69 6.69 -11.75
C LYS B 84 24.84 6.11 -12.88
N GLU B 85 24.12 6.96 -13.60
CA GLU B 85 23.26 6.49 -14.69
C GLU B 85 23.97 5.68 -15.79
N VAL B 86 25.23 6.00 -16.05
CA VAL B 86 25.99 5.25 -17.06
C VAL B 86 26.25 3.85 -16.51
N TYR B 87 26.73 3.78 -15.27
CA TYR B 87 27.02 2.50 -14.64
C TYR B 87 25.78 1.62 -14.57
N GLN B 88 24.64 2.19 -14.22
CA GLN B 88 23.45 1.36 -14.13
C GLN B 88 23.09 0.72 -15.48
N GLN B 89 23.33 1.44 -16.56
CA GLN B 89 23.04 0.92 -17.88
C GLN B 89 23.92 -0.29 -18.15
N VAL B 90 25.23 -0.12 -17.95
CA VAL B 90 26.13 -1.22 -18.17
C VAL B 90 25.77 -2.40 -17.26
N SER B 91 25.44 -2.09 -16.00
CA SER B 91 25.09 -3.12 -15.03
C SER B 91 23.88 -3.91 -15.50
N SER B 92 22.85 -3.20 -15.95
CA SER B 92 21.65 -3.86 -16.44
C SER B 92 21.99 -4.81 -17.58
N ARG B 93 22.78 -4.32 -18.54
CA ARG B 93 23.19 -5.14 -19.68
C ARG B 93 23.91 -6.41 -19.21
N ILE B 94 24.84 -6.28 -18.28
CA ILE B 94 25.56 -7.46 -17.81
C ILE B 94 24.65 -8.37 -16.99
N MET B 95 23.67 -7.81 -16.32
CA MET B 95 22.78 -8.64 -15.53
C MET B 95 21.92 -9.50 -16.47
N ASN B 96 21.46 -8.93 -17.57
CA ASN B 96 20.65 -9.72 -18.49
C ASN B 96 21.49 -10.82 -19.13
N LEU B 97 22.77 -10.56 -19.29
CA LEU B 97 23.67 -11.55 -19.85
C LEU B 97 23.69 -12.77 -18.93
N LEU B 98 23.62 -12.52 -17.63
CA LEU B 98 23.65 -13.57 -16.62
C LEU B 98 22.37 -14.40 -16.45
N ARG B 99 21.22 -13.81 -16.79
CA ARG B 99 19.95 -14.51 -16.67
C ARG B 99 19.88 -15.68 -17.63
N GLU B 100 20.72 -15.65 -18.66
CA GLU B 100 20.73 -16.72 -19.64
C GLU B 100 21.35 -17.97 -19.02
N TYR B 101 22.15 -17.80 -17.97
CA TYR B 101 22.79 -18.95 -17.36
C TYR B 101 21.96 -19.61 -16.27
N SER B 102 21.09 -18.84 -15.64
CA SER B 102 20.26 -19.39 -14.58
C SER B 102 19.01 -18.54 -14.38
N GLU B 103 17.94 -19.18 -13.93
CA GLU B 103 16.67 -18.49 -13.67
C GLU B 103 16.62 -18.13 -12.19
N LYS B 104 17.41 -18.82 -11.39
CA LYS B 104 17.45 -18.50 -9.98
C LYS B 104 18.62 -17.52 -9.83
N ILE B 105 18.31 -16.24 -9.96
CA ILE B 105 19.33 -15.20 -9.85
C ILE B 105 18.90 -14.12 -8.87
N GLU B 106 19.79 -13.79 -7.95
CA GLU B 106 19.53 -12.75 -6.95
C GLU B 106 20.47 -11.59 -7.22
N ILE B 107 19.91 -10.44 -7.56
CA ILE B 107 20.74 -9.29 -7.80
C ILE B 107 20.92 -8.57 -6.48
N ALA B 108 22.07 -8.78 -5.85
CA ALA B 108 22.38 -8.20 -4.55
C ALA B 108 22.85 -6.75 -4.52
N SER B 109 23.30 -6.21 -5.65
CA SER B 109 23.75 -4.82 -5.70
C SER B 109 24.03 -4.38 -7.14
N ILE B 110 24.43 -3.13 -7.32
CA ILE B 110 24.75 -2.55 -8.62
C ILE B 110 25.75 -3.40 -9.41
N ASP B 111 26.64 -4.14 -8.74
CA ASP B 111 27.63 -4.95 -9.45
C ASP B 111 27.75 -6.41 -9.01
N GLU B 112 26.72 -7.00 -8.44
CA GLU B 112 26.89 -8.41 -8.05
C GLU B 112 25.63 -9.23 -8.12
N ALA B 113 25.82 -10.54 -8.28
CA ALA B 113 24.69 -11.42 -8.39
C ALA B 113 25.03 -12.82 -7.94
N TYR B 114 24.05 -13.50 -7.33
CA TYR B 114 24.23 -14.88 -6.91
C TYR B 114 23.34 -15.68 -7.84
N LEU B 115 23.88 -16.73 -8.48
CA LEU B 115 23.06 -17.55 -9.34
C LEU B 115 23.05 -18.96 -8.77
N ASP B 116 21.87 -19.52 -8.59
CA ASP B 116 21.79 -20.87 -8.09
C ASP B 116 21.94 -21.73 -9.33
N ILE B 117 23.05 -22.47 -9.41
CA ILE B 117 23.33 -23.31 -10.55
C ILE B 117 23.17 -24.80 -10.25
N SER B 118 22.55 -25.11 -9.14
CA SER B 118 22.29 -26.49 -8.75
C SER B 118 21.72 -27.32 -9.91
N ASP B 119 20.67 -26.81 -10.56
CA ASP B 119 20.06 -27.53 -11.66
C ASP B 119 20.83 -27.45 -12.97
N LYS B 120 21.94 -26.72 -13.00
CA LYS B 120 22.70 -26.57 -14.23
C LYS B 120 24.03 -27.28 -14.23
N VAL B 121 24.46 -27.71 -13.06
CA VAL B 121 25.76 -28.34 -12.92
C VAL B 121 25.75 -29.60 -12.05
N ARG B 122 26.65 -30.53 -12.35
CA ARG B 122 26.70 -31.79 -11.60
C ARG B 122 27.78 -31.85 -10.52
N ASP B 123 28.70 -30.89 -10.55
CA ASP B 123 29.78 -30.85 -9.56
C ASP B 123 30.58 -29.55 -9.71
N TYR B 124 31.47 -29.30 -8.76
CA TYR B 124 32.27 -28.09 -8.79
C TYR B 124 33.14 -27.93 -10.03
N ARG B 125 33.51 -29.03 -10.68
CA ARG B 125 34.35 -28.92 -11.87
C ARG B 125 33.53 -28.33 -13.00
N GLU B 126 32.31 -28.85 -13.11
CA GLU B 126 31.38 -28.42 -14.12
C GLU B 126 31.04 -26.96 -13.83
N ALA B 127 30.93 -26.64 -12.55
CA ALA B 127 30.62 -25.29 -12.09
C ALA B 127 31.75 -24.31 -12.40
N TYR B 128 32.97 -24.78 -12.23
CA TYR B 128 34.15 -23.96 -12.48
C TYR B 128 34.19 -23.58 -13.96
N ASN B 129 33.87 -24.54 -14.82
CA ASN B 129 33.86 -24.29 -16.26
C ASN B 129 32.73 -23.34 -16.63
N LEU B 130 31.63 -23.40 -15.88
CA LEU B 130 30.50 -22.51 -16.14
C LEU B 130 30.93 -21.10 -15.74
N GLY B 131 31.66 -21.03 -14.63
CA GLY B 131 32.16 -19.76 -14.17
C GLY B 131 33.03 -19.15 -15.25
N LEU B 132 33.86 -19.98 -15.89
CA LEU B 132 34.72 -19.50 -16.95
C LEU B 132 33.91 -19.11 -18.18
N GLU B 133 32.79 -19.79 -18.42
CA GLU B 133 31.96 -19.46 -19.56
C GLU B 133 31.35 -18.07 -19.37
N ILE B 134 31.02 -17.76 -18.13
CA ILE B 134 30.42 -16.48 -17.81
C ILE B 134 31.40 -15.33 -17.88
N LYS B 135 32.59 -15.54 -17.31
CA LYS B 135 33.64 -14.51 -17.33
C LYS B 135 34.00 -14.14 -18.76
N ASN B 136 34.03 -15.12 -19.66
CA ASN B 136 34.37 -14.83 -21.04
C ASN B 136 33.20 -14.17 -21.76
N LYS B 137 31.99 -14.63 -21.49
CA LYS B 137 30.82 -14.05 -22.14
C LYS B 137 30.79 -12.55 -21.86
N ILE B 138 31.05 -12.19 -20.61
CA ILE B 138 31.03 -10.80 -20.18
C ILE B 138 32.20 -9.97 -20.72
N LEU B 139 33.35 -10.61 -20.92
CA LEU B 139 34.51 -9.92 -21.44
C LEU B 139 34.35 -9.74 -22.94
N GLU B 140 33.65 -10.69 -23.57
CA GLU B 140 33.41 -10.64 -25.00
C GLU B 140 32.36 -9.59 -25.34
N LYS B 141 31.29 -9.56 -24.54
CA LYS B 141 30.18 -8.63 -24.75
C LYS B 141 30.41 -7.22 -24.23
N GLU B 142 31.03 -7.12 -23.04
CA GLU B 142 31.25 -5.81 -22.42
C GLU B 142 32.68 -5.44 -22.05
N LYS B 143 33.62 -6.33 -22.30
CA LYS B 143 35.03 -6.08 -21.97
C LYS B 143 35.28 -5.73 -20.50
N ILE B 144 34.44 -6.26 -19.62
CA ILE B 144 34.55 -6.04 -18.18
C ILE B 144 35.02 -7.32 -17.49
N THR B 145 36.05 -7.23 -16.66
CA THR B 145 36.48 -8.43 -15.94
C THR B 145 35.69 -8.51 -14.65
N VAL B 146 35.36 -9.72 -14.23
CA VAL B 146 34.57 -9.93 -13.03
C VAL B 146 35.15 -11.09 -12.24
N THR B 147 34.91 -11.15 -10.95
CA THR B 147 35.46 -12.24 -10.18
C THR B 147 34.33 -13.20 -9.86
N VAL B 148 34.61 -14.49 -9.95
CA VAL B 148 33.62 -15.51 -9.65
C VAL B 148 33.96 -16.35 -8.43
N GLY B 149 32.99 -16.50 -7.54
CA GLY B 149 33.19 -17.30 -6.35
C GLY B 149 32.18 -18.42 -6.45
N ILE B 150 32.60 -19.64 -6.18
CA ILE B 150 31.71 -20.79 -6.25
C ILE B 150 31.78 -21.58 -4.95
N SER B 151 30.61 -22.00 -4.44
CA SER B 151 30.61 -22.76 -3.20
C SER B 151 29.28 -23.37 -2.79
N LYS B 152 29.25 -23.84 -1.55
CA LYS B 152 28.11 -24.50 -0.93
C LYS B 152 26.90 -23.59 -0.77
N ASN B 153 27.15 -22.36 -0.32
CA ASN B 153 26.08 -21.38 -0.11
C ASN B 153 26.49 -19.96 -0.48
N LYS B 154 25.56 -19.02 -0.31
CA LYS B 154 25.83 -17.64 -0.64
C LYS B 154 27.00 -17.03 0.11
N VAL B 155 27.04 -17.22 1.42
CA VAL B 155 28.11 -16.66 2.24
C VAL B 155 29.48 -17.10 1.79
N PHE B 156 29.65 -18.38 1.52
CA PHE B 156 30.97 -18.84 1.10
C PHE B 156 31.29 -18.50 -0.34
N ALA B 157 30.28 -18.45 -1.21
CA ALA B 157 30.51 -18.08 -2.60
C ALA B 157 31.08 -16.65 -2.61
N LYS B 158 30.54 -15.77 -1.77
CA LYS B 158 31.03 -14.40 -1.72
C LYS B 158 32.43 -14.39 -1.20
N ILE B 159 32.64 -15.07 -0.08
CA ILE B 159 33.97 -15.15 0.53
C ILE B 159 34.98 -15.67 -0.49
N ALA B 160 34.51 -16.55 -1.38
CA ALA B 160 35.36 -17.11 -2.40
C ALA B 160 35.76 -16.02 -3.38
N ALA B 161 34.80 -15.22 -3.81
CA ALA B 161 35.09 -14.15 -4.77
C ALA B 161 36.02 -13.12 -4.11
N ASP B 162 35.87 -12.99 -2.79
CA ASP B 162 36.68 -12.06 -2.01
C ASP B 162 38.15 -12.45 -2.03
N MET B 163 38.43 -13.74 -2.13
CA MET B 163 39.80 -14.24 -2.20
C MET B 163 40.36 -14.27 -3.62
N ALA B 164 39.52 -14.53 -4.61
CA ALA B 164 40.02 -14.60 -5.96
C ALA B 164 40.18 -13.28 -6.68
N LYS B 165 39.85 -12.17 -6.03
CA LYS B 165 39.98 -10.88 -6.70
C LYS B 165 41.44 -10.43 -6.83
N PRO B 166 41.74 -9.65 -7.88
CA PRO B 166 40.78 -9.20 -8.90
C PRO B 166 40.76 -10.20 -10.05
N ASN B 167 39.88 -9.97 -11.02
CA ASN B 167 39.76 -10.84 -12.18
C ASN B 167 40.14 -12.30 -11.91
N GLY B 168 39.37 -12.99 -11.09
CA GLY B 168 39.68 -14.37 -10.81
C GLY B 168 38.48 -15.28 -10.75
N ILE B 169 38.67 -16.48 -10.21
CA ILE B 169 37.59 -17.45 -10.07
C ILE B 169 37.96 -18.48 -9.01
N LYS B 170 37.04 -18.79 -8.10
CA LYS B 170 37.40 -19.75 -7.08
C LYS B 170 36.30 -20.63 -6.55
N VAL B 171 36.67 -21.86 -6.23
CA VAL B 171 35.73 -22.83 -5.69
C VAL B 171 36.16 -23.21 -4.30
N ILE B 172 35.27 -23.04 -3.33
CA ILE B 172 35.55 -23.46 -1.98
C ILE B 172 34.74 -24.74 -1.85
N ASP B 173 35.41 -25.88 -1.95
CA ASP B 173 34.71 -27.15 -1.85
C ASP B 173 34.32 -27.47 -0.42
N ASP B 174 33.33 -28.34 -0.29
CA ASP B 174 32.82 -28.77 1.02
C ASP B 174 33.94 -29.09 2.00
N GLU B 175 35.09 -29.49 1.49
CA GLU B 175 36.24 -29.83 2.31
C GLU B 175 36.79 -28.57 2.97
N GLU B 176 37.18 -27.61 2.14
CA GLU B 176 37.74 -26.35 2.63
C GLU B 176 36.73 -25.53 3.41
N VAL B 177 35.49 -25.97 3.43
CA VAL B 177 34.46 -25.26 4.18
C VAL B 177 34.70 -25.62 5.65
N LYS B 178 34.55 -26.91 5.94
CA LYS B 178 34.76 -27.45 7.27
C LYS B 178 36.09 -26.94 7.78
N ARG B 179 37.03 -26.76 6.85
CA ARG B 179 38.36 -26.27 7.21
C ARG B 179 38.27 -24.79 7.49
N LEU B 180 38.17 -24.01 6.42
CA LEU B 180 38.10 -22.55 6.48
C LEU B 180 37.29 -22.02 7.66
N ILE B 181 36.29 -22.78 8.10
CA ILE B 181 35.48 -22.35 9.22
C ILE B 181 36.32 -22.02 10.48
N ARG B 182 37.54 -22.56 10.56
CA ARG B 182 38.38 -22.29 11.72
C ARG B 182 39.59 -21.37 11.51
N GLU B 183 40.13 -21.32 10.30
CA GLU B 183 41.29 -20.45 10.05
C GLU B 183 40.96 -19.07 9.50
N LEU B 184 39.76 -18.92 8.95
CA LEU B 184 39.35 -17.65 8.35
C LEU B 184 39.60 -16.43 9.24
N ASP B 185 38.60 -16.11 10.04
CA ASP B 185 38.63 -14.96 10.93
C ASP B 185 37.18 -14.78 11.34
N ILE B 186 36.72 -13.53 11.35
CA ILE B 186 35.35 -13.20 11.70
C ILE B 186 35.05 -11.85 11.11
N ALA B 187 36.02 -10.94 11.20
CA ALA B 187 35.86 -9.60 10.66
C ALA B 187 35.77 -9.70 9.15
N ASP B 188 35.89 -10.91 8.64
CA ASP B 188 35.83 -11.16 7.21
C ASP B 188 34.55 -11.89 6.83
N VAL B 189 33.87 -12.45 7.82
CA VAL B 189 32.60 -13.12 7.57
C VAL B 189 31.62 -11.99 7.28
N PRO B 190 31.04 -11.97 6.06
CA PRO B 190 30.09 -10.94 5.65
C PRO B 190 28.93 -10.79 6.63
N GLY B 191 28.70 -9.56 7.06
CA GLY B 191 27.64 -9.28 8.01
C GLY B 191 28.18 -8.91 9.37
N ILE B 192 29.51 -8.98 9.51
CA ILE B 192 30.14 -8.66 10.77
C ILE B 192 31.13 -7.57 10.52
N GLY B 193 30.81 -6.33 10.91
CA GLY B 193 31.69 -5.19 10.68
C GLY B 193 32.63 -4.87 11.84
N ASN B 194 33.19 -3.65 11.81
CA ASN B 194 34.15 -3.25 12.83
C ASN B 194 33.69 -3.19 14.28
N ILE B 195 32.59 -2.51 14.57
CA ILE B 195 32.15 -2.43 15.96
C ILE B 195 31.78 -3.79 16.53
N THR B 196 31.18 -4.65 15.71
CA THR B 196 30.80 -5.99 16.18
C THR B 196 32.05 -6.86 16.20
N ALA B 197 33.04 -6.50 15.38
CA ALA B 197 34.29 -7.26 15.32
C ALA B 197 35.08 -6.96 16.59
N GLU B 198 35.29 -5.67 16.84
CA GLU B 198 36.02 -5.23 18.03
C GLU B 198 35.24 -5.68 19.27
N LYS B 199 33.93 -5.81 19.11
CA LYS B 199 33.07 -6.23 20.22
C LYS B 199 33.21 -7.73 20.41
N LEU B 200 33.67 -8.42 19.38
CA LEU B 200 33.86 -9.86 19.46
C LEU B 200 35.17 -10.19 20.18
N LYS B 201 36.20 -9.38 19.95
CA LYS B 201 37.49 -9.58 20.60
C LYS B 201 37.33 -9.29 22.10
N LYS B 202 36.11 -8.91 22.49
CA LYS B 202 35.79 -8.61 23.89
C LYS B 202 35.36 -9.91 24.57
N LEU B 203 35.01 -10.90 23.77
CA LEU B 203 34.66 -12.20 24.30
C LEU B 203 35.82 -13.07 23.87
N GLY B 204 36.61 -12.57 22.92
CA GLY B 204 37.75 -13.33 22.42
C GLY B 204 37.33 -14.32 21.33
N ILE B 205 36.05 -14.25 20.95
CA ILE B 205 35.45 -15.14 19.95
C ILE B 205 35.98 -14.92 18.53
N ASN B 206 37.30 -14.78 18.39
CA ASN B 206 37.90 -14.61 17.07
C ASN B 206 37.59 -15.91 16.33
N LYS B 207 37.80 -15.94 15.02
CA LYS B 207 37.54 -17.14 14.22
C LYS B 207 36.13 -17.69 14.36
N LEU B 208 35.46 -17.89 13.22
CA LEU B 208 34.09 -18.40 13.18
C LEU B 208 34.01 -19.71 13.94
N VAL B 209 35.16 -20.27 14.29
CA VAL B 209 35.20 -21.54 14.99
C VAL B 209 35.07 -21.37 16.50
N ASP B 210 35.73 -20.35 17.05
CA ASP B 210 35.69 -20.08 18.47
C ASP B 210 34.31 -19.58 18.91
N THR B 211 33.35 -19.68 18.01
CA THR B 211 31.98 -19.26 18.30
C THR B 211 31.12 -20.50 18.40
N LEU B 212 31.77 -21.65 18.23
CA LEU B 212 31.11 -22.93 18.30
C LEU B 212 30.91 -23.36 19.74
N SER B 213 31.90 -23.05 20.57
CA SER B 213 31.88 -23.39 21.99
C SER B 213 30.93 -22.58 22.85
N ILE B 214 31.17 -21.27 22.93
CA ILE B 214 30.35 -20.36 23.74
C ILE B 214 28.85 -20.55 23.54
N GLU B 215 28.06 -20.13 24.52
CA GLU B 215 26.62 -20.29 24.47
C GLU B 215 25.85 -19.20 23.73
N PHE B 216 24.65 -19.54 23.27
CA PHE B 216 23.79 -18.62 22.55
C PHE B 216 23.07 -17.68 23.50
N ASP B 217 23.74 -17.34 24.59
CA ASP B 217 23.19 -16.44 25.59
C ASP B 217 24.21 -15.34 25.85
N LYS B 218 25.46 -15.76 26.03
CA LYS B 218 26.55 -14.84 26.28
C LYS B 218 26.91 -14.13 24.98
N LEU B 219 26.51 -14.74 23.86
CA LEU B 219 26.76 -14.21 22.53
C LEU B 219 25.53 -13.41 22.08
N LYS B 220 24.37 -14.06 22.15
CA LYS B 220 23.11 -13.43 21.79
C LYS B 220 22.92 -12.16 22.62
N GLY B 221 23.73 -12.02 23.67
CA GLY B 221 23.64 -10.86 24.54
C GLY B 221 24.71 -9.85 24.17
N MET B 222 25.49 -10.19 23.14
CA MET B 222 26.56 -9.33 22.66
C MET B 222 26.27 -8.83 21.25
N ILE B 223 26.04 -9.78 20.35
CA ILE B 223 25.76 -9.49 18.96
C ILE B 223 24.26 -9.42 18.69
N GLY B 224 23.49 -10.19 19.45
CA GLY B 224 22.06 -10.20 19.27
C GLY B 224 21.63 -11.54 18.74
N GLU B 225 20.34 -11.85 18.86
CA GLU B 225 19.81 -13.13 18.41
C GLU B 225 19.97 -13.35 16.90
N ALA B 226 19.66 -12.30 16.13
CA ALA B 226 19.77 -12.39 14.69
C ALA B 226 21.17 -12.80 14.25
N LYS B 227 22.18 -12.11 14.75
CA LYS B 227 23.55 -12.45 14.36
C LYS B 227 24.04 -13.71 15.06
N ALA B 228 23.29 -14.15 16.07
CA ALA B 228 23.65 -15.37 16.79
C ALA B 228 23.24 -16.55 15.93
N LYS B 229 21.95 -16.60 15.58
CA LYS B 229 21.45 -17.67 14.73
C LYS B 229 22.18 -17.68 13.41
N TYR B 230 22.91 -16.59 13.13
CA TYR B 230 23.67 -16.45 11.89
C TYR B 230 25.05 -17.04 12.01
N LEU B 231 25.93 -16.32 12.69
CA LEU B 231 27.31 -16.72 12.89
C LEU B 231 27.48 -18.18 13.27
N ILE B 232 26.51 -18.71 14.01
CA ILE B 232 26.59 -20.11 14.41
C ILE B 232 26.22 -21.03 13.26
N SER B 233 25.05 -20.83 12.67
CA SER B 233 24.61 -21.67 11.54
C SER B 233 25.73 -21.87 10.52
N LEU B 234 26.63 -20.89 10.42
CA LEU B 234 27.75 -20.98 9.49
C LEU B 234 28.77 -22.00 9.98
N ALA B 235 29.34 -21.74 11.14
CA ALA B 235 30.35 -22.62 11.74
C ALA B 235 29.87 -24.06 11.82
N ARG B 236 28.57 -24.26 11.94
CA ARG B 236 28.00 -25.60 12.01
C ARG B 236 27.72 -26.11 10.60
N ASP B 237 28.23 -25.38 9.60
CA ASP B 237 28.07 -25.72 8.19
C ASP B 237 26.64 -26.14 7.84
N GLU B 238 25.66 -25.46 8.42
CA GLU B 238 24.26 -25.79 8.17
C GLU B 238 23.51 -24.62 7.53
N TYR B 239 24.21 -23.51 7.33
CA TYR B 239 23.61 -22.31 6.73
C TYR B 239 23.07 -22.58 5.34
N ASN B 240 21.86 -22.11 5.08
CA ASN B 240 21.26 -22.29 3.77
C ASN B 240 20.11 -21.34 3.45
N GLU B 241 20.44 -20.16 2.96
CA GLU B 241 19.42 -19.21 2.58
C GLU B 241 19.32 -19.28 1.08
N PRO B 242 18.10 -19.47 0.56
CA PRO B 242 17.88 -19.57 -0.87
C PRO B 242 18.16 -18.27 -1.64
N ILE B 243 18.24 -18.37 -2.94
CA ILE B 243 18.47 -17.20 -3.79
C ILE B 243 17.10 -16.72 -4.26
N ARG B 244 16.69 -15.53 -3.82
CA ARG B 244 15.42 -14.98 -4.25
C ARG B 244 15.69 -13.69 -5.03
N THR B 245 14.74 -13.30 -5.87
CA THR B 245 14.88 -12.13 -6.73
C THR B 245 15.17 -10.79 -6.04
N ARG B 246 14.67 -10.60 -4.82
CA ARG B 246 14.95 -9.36 -4.08
C ARG B 246 14.12 -8.17 -4.57
N VAL B 247 13.33 -7.61 -3.65
CA VAL B 247 12.44 -6.50 -3.94
C VAL B 247 12.80 -5.25 -3.17
N ARG B 248 12.69 -4.10 -3.83
CA ARG B 248 12.99 -2.82 -3.21
C ARG B 248 12.04 -2.53 -2.06
N LYS B 249 12.58 -2.23 -0.87
CA LYS B 249 11.71 -1.92 0.27
C LYS B 249 11.67 -0.40 0.51
N SER B 250 12.57 0.34 -0.11
CA SER B 250 12.57 1.79 0.08
C SER B 250 13.37 2.58 -0.95
N ILE B 251 12.86 3.76 -1.32
CA ILE B 251 13.51 4.66 -2.26
C ILE B 251 13.65 5.99 -1.56
N GLY B 252 14.76 6.66 -1.78
CA GLY B 252 14.98 7.92 -1.10
C GLY B 252 16.02 8.75 -1.77
N ARG B 253 16.14 10.00 -1.33
CA ARG B 253 17.09 10.93 -1.90
C ARG B 253 17.55 11.84 -0.78
N ILE B 254 18.84 12.14 -0.74
CA ILE B 254 19.38 13.01 0.30
C ILE B 254 20.56 13.79 -0.27
N VAL B 255 20.59 15.09 -0.01
CA VAL B 255 21.64 15.94 -0.55
C VAL B 255 22.32 16.78 0.52
N THR B 256 23.49 17.31 0.18
CA THR B 256 24.29 18.16 1.06
C THR B 256 23.95 19.62 0.79
N MET B 257 23.73 20.40 1.84
CA MET B 257 23.39 21.81 1.70
C MET B 257 24.64 22.65 1.54
N LYS B 258 24.53 23.79 0.87
CA LYS B 258 25.70 24.66 0.68
C LYS B 258 26.38 24.97 2.01
N ARG B 259 25.64 24.87 3.10
CA ARG B 259 26.20 25.12 4.43
C ARG B 259 25.30 24.59 5.51
N ASN B 260 25.88 24.31 6.68
CA ASN B 260 25.09 23.80 7.80
C ASN B 260 23.99 24.79 8.16
N SER B 261 22.95 24.31 8.85
CA SER B 261 21.84 25.19 9.18
C SER B 261 20.80 24.58 10.12
N ARG B 262 19.95 25.46 10.65
CA ARG B 262 18.85 25.08 11.55
C ARG B 262 17.66 25.97 11.23
N ASN B 263 17.71 26.63 10.08
CA ASN B 263 16.63 27.51 9.64
C ASN B 263 15.68 26.77 8.71
N LEU B 264 14.45 26.55 9.17
CA LEU B 264 13.46 25.85 8.36
C LEU B 264 13.32 26.43 6.97
N GLU B 265 13.34 27.75 6.86
CA GLU B 265 13.17 28.38 5.56
C GLU B 265 14.31 28.12 4.59
N GLU B 266 15.54 28.12 5.09
CA GLU B 266 16.72 27.89 4.25
C GLU B 266 16.84 26.41 3.82
N ILE B 267 16.32 25.51 4.65
CA ILE B 267 16.37 24.08 4.43
C ILE B 267 15.26 23.50 3.53
N LYS B 268 14.10 24.12 3.54
CA LYS B 268 12.97 23.65 2.74
C LYS B 268 13.29 23.42 1.27
N PRO B 269 13.98 24.39 0.63
CA PRO B 269 14.31 24.21 -0.79
C PRO B 269 15.02 22.89 -1.07
N TYR B 270 15.97 22.55 -0.22
CA TYR B 270 16.72 21.32 -0.38
C TYR B 270 15.80 20.12 -0.16
N LEU B 271 15.00 20.19 0.89
CA LEU B 271 14.08 19.11 1.22
C LEU B 271 13.10 18.85 0.09
N PHE B 272 12.53 19.91 -0.47
CA PHE B 272 11.56 19.76 -1.54
C PHE B 272 12.13 19.17 -2.82
N ARG B 273 13.41 19.42 -3.08
CA ARG B 273 14.04 18.90 -4.27
C ARG B 273 14.23 17.41 -4.10
N ALA B 274 14.61 16.99 -2.89
CA ALA B 274 14.81 15.57 -2.60
C ALA B 274 13.48 14.82 -2.70
N ILE B 275 12.39 15.47 -2.29
CA ILE B 275 11.07 14.84 -2.36
C ILE B 275 10.64 14.71 -3.82
N GLU B 276 10.90 15.74 -4.63
CA GLU B 276 10.55 15.69 -6.04
C GLU B 276 11.31 14.57 -6.75
N GLU B 277 12.61 14.51 -6.52
CA GLU B 277 13.45 13.51 -7.14
C GLU B 277 13.24 12.08 -6.69
N SER B 278 12.92 11.87 -5.41
CA SER B 278 12.72 10.52 -4.95
C SER B 278 11.34 10.01 -5.36
N TYR B 279 10.36 10.92 -5.38
CA TYR B 279 9.01 10.55 -5.76
C TYR B 279 8.98 10.20 -7.25
N TYR B 280 9.98 10.67 -7.99
CA TYR B 280 10.08 10.39 -9.42
C TYR B 280 10.68 8.99 -9.59
N LYS B 281 11.55 8.61 -8.66
CA LYS B 281 12.18 7.30 -8.68
C LYS B 281 11.13 6.23 -8.35
N LEU B 282 10.25 6.55 -7.40
CA LEU B 282 9.19 5.63 -6.97
C LEU B 282 8.53 4.91 -8.14
N ASP B 283 8.43 5.59 -9.27
CA ASP B 283 7.80 5.03 -10.44
C ASP B 283 6.36 4.67 -10.08
N LYS B 284 5.87 3.53 -10.54
CA LYS B 284 4.52 3.12 -10.24
C LYS B 284 4.26 2.88 -8.74
N ARG B 285 5.32 2.69 -7.97
CA ARG B 285 5.18 2.42 -6.54
C ARG B 285 4.52 3.53 -5.72
N ILE B 286 3.62 3.13 -4.82
CA ILE B 286 2.91 4.06 -3.96
C ILE B 286 3.30 3.73 -2.53
N PRO B 287 4.00 4.66 -1.84
CA PRO B 287 4.46 4.49 -0.46
C PRO B 287 3.40 4.78 0.61
N LYS B 288 3.48 4.09 1.74
CA LYS B 288 2.53 4.35 2.80
C LYS B 288 3.25 4.97 3.99
N ALA B 289 4.58 4.96 3.93
CA ALA B 289 5.38 5.55 4.99
C ALA B 289 6.40 6.53 4.41
N ILE B 290 6.75 7.54 5.21
CA ILE B 290 7.73 8.53 4.80
C ILE B 290 8.54 8.89 6.02
N HIS B 291 9.84 9.03 5.83
CA HIS B 291 10.74 9.39 6.91
C HIS B 291 11.62 10.53 6.42
N VAL B 292 11.78 11.55 7.26
CA VAL B 292 12.65 12.65 6.90
C VAL B 292 13.95 12.31 7.59
N VAL B 293 15.03 12.25 6.81
CA VAL B 293 16.34 11.90 7.31
C VAL B 293 17.27 13.10 7.34
N ALA B 294 18.02 13.22 8.42
CA ALA B 294 18.96 14.33 8.53
C ALA B 294 20.31 13.89 9.06
N VAL B 295 21.34 14.36 8.39
CA VAL B 295 22.72 14.09 8.78
C VAL B 295 23.15 15.36 9.45
N THR B 296 23.42 15.28 10.75
CA THR B 296 23.83 16.45 11.50
C THR B 296 25.27 16.86 11.22
N GLU B 297 25.64 18.02 11.73
CA GLU B 297 26.98 18.59 11.58
C GLU B 297 28.09 17.60 11.93
N ASP B 298 27.82 16.71 12.88
CA ASP B 298 28.78 15.71 13.33
C ASP B 298 28.54 14.34 12.70
N LEU B 299 27.94 14.37 11.51
CA LEU B 299 27.63 13.19 10.73
C LEU B 299 26.84 12.11 11.43
N ASP B 300 25.87 12.53 12.23
CA ASP B 300 24.98 11.59 12.90
C ASP B 300 23.67 11.67 12.13
N ILE B 301 23.00 10.55 11.95
CA ILE B 301 21.75 10.58 11.23
C ILE B 301 20.56 10.46 12.19
N VAL B 302 19.63 11.39 12.03
CA VAL B 302 18.43 11.45 12.83
C VAL B 302 17.25 11.45 11.87
N SER B 303 16.08 11.03 12.33
CA SER B 303 14.95 11.02 11.43
C SER B 303 13.61 10.97 12.13
N ARG B 304 12.58 11.37 11.41
CA ARG B 304 11.24 11.36 11.93
C ARG B 304 10.38 10.88 10.78
N GLY B 305 9.51 9.91 11.06
CA GLY B 305 8.66 9.39 10.01
C GLY B 305 7.23 9.22 10.43
N ARG B 306 6.38 8.87 9.46
N ARG B 306 6.38 8.86 9.46
CA ARG B 306 4.97 8.65 9.72
CA ARG B 306 4.97 8.63 9.72
C ARG B 306 4.40 7.65 8.71
C ARG B 306 4.42 7.63 8.72
N THR B 307 3.55 6.74 9.20
CA THR B 307 2.96 5.75 8.31
C THR B 307 1.47 6.03 8.23
N PHE B 308 0.99 6.24 7.00
CA PHE B 308 -0.41 6.51 6.74
C PHE B 308 -1.10 5.22 6.32
N PRO B 309 -2.39 5.08 6.61
CA PRO B 309 -3.14 3.89 6.24
C PRO B 309 -3.48 3.90 4.76
N HIS B 310 -2.76 4.69 3.99
CA HIS B 310 -3.00 4.77 2.55
C HIS B 310 -1.78 5.37 1.87
N GLY B 311 -1.79 5.35 0.55
CA GLY B 311 -0.69 5.88 -0.23
C GLY B 311 -0.50 7.39 -0.12
N ILE B 312 0.75 7.80 0.06
CA ILE B 312 1.11 9.21 0.19
C ILE B 312 1.31 9.84 -1.17
N SER B 313 0.54 10.87 -1.49
CA SER B 313 0.71 11.55 -2.77
C SER B 313 1.89 12.51 -2.61
N LYS B 314 2.23 13.22 -3.68
CA LYS B 314 3.35 14.17 -3.59
C LYS B 314 3.04 15.33 -2.62
N GLU B 315 1.86 15.91 -2.74
CA GLU B 315 1.42 17.03 -1.91
C GLU B 315 1.40 16.66 -0.43
N THR B 316 0.96 15.45 -0.12
CA THR B 316 0.92 15.01 1.27
C THR B 316 2.36 14.92 1.76
N ALA B 317 3.25 14.44 0.89
CA ALA B 317 4.66 14.32 1.25
C ALA B 317 5.23 15.71 1.56
N TYR B 318 5.00 16.65 0.63
CA TYR B 318 5.45 18.02 0.80
C TYR B 318 4.97 18.52 2.15
N SER B 319 3.66 18.40 2.36
CA SER B 319 3.06 18.84 3.61
C SER B 319 3.61 18.14 4.86
N GLU B 320 3.58 16.81 4.86
CA GLU B 320 4.05 16.05 6.00
C GLU B 320 5.55 16.19 6.27
N SER B 321 6.35 16.30 5.20
CA SER B 321 7.80 16.43 5.38
C SER B 321 8.22 17.67 6.18
N VAL B 322 7.42 18.73 6.12
CA VAL B 322 7.78 19.94 6.86
C VAL B 322 7.49 19.80 8.36
N LYS B 323 6.47 19.04 8.72
CA LYS B 323 6.16 18.84 10.14
C LYS B 323 7.23 17.92 10.72
N LEU B 324 7.59 16.90 9.97
CA LEU B 324 8.61 15.97 10.43
C LEU B 324 9.94 16.71 10.55
N LEU B 325 10.24 17.56 9.57
CA LEU B 325 11.48 18.33 9.61
C LEU B 325 11.48 19.27 10.81
N GLN B 326 10.37 19.98 11.03
CA GLN B 326 10.25 20.90 12.16
C GLN B 326 10.37 20.10 13.45
N LYS B 327 9.86 18.87 13.42
CA LYS B 327 9.92 18.00 14.58
C LYS B 327 11.37 17.67 14.86
N ILE B 328 12.16 17.56 13.80
CA ILE B 328 13.57 17.25 13.92
C ILE B 328 14.26 18.47 14.50
N LEU B 329 13.92 19.64 13.96
CA LEU B 329 14.53 20.88 14.42
C LEU B 329 14.23 21.15 15.89
N GLU B 330 12.98 20.92 16.29
CA GLU B 330 12.59 21.15 17.67
C GLU B 330 13.31 20.20 18.63
N GLU B 331 13.23 18.90 18.36
CA GLU B 331 13.89 17.94 19.24
C GLU B 331 15.42 17.97 19.20
N ASP B 332 16.04 17.78 18.03
CA ASP B 332 17.50 17.82 17.96
C ASP B 332 18.02 19.25 17.99
N GLU B 333 19.19 19.43 18.58
CA GLU B 333 19.79 20.76 18.73
C GLU B 333 20.89 21.12 17.72
N ARG B 334 21.57 20.11 17.17
CA ARG B 334 22.65 20.35 16.23
C ARG B 334 22.21 20.99 14.92
N LYS B 335 23.19 21.34 14.09
CA LYS B 335 22.92 21.91 12.78
C LYS B 335 22.81 20.75 11.82
N ILE B 336 22.13 20.97 10.71
CA ILE B 336 21.96 19.92 9.70
C ILE B 336 22.89 20.17 8.52
N ARG B 337 23.60 19.12 8.10
CA ARG B 337 24.54 19.19 6.97
C ARG B 337 23.90 18.64 5.69
N ARG B 338 23.09 17.60 5.82
CA ARG B 338 22.40 16.99 4.68
C ARG B 338 20.95 16.75 5.05
N ILE B 339 20.07 16.85 4.06
CA ILE B 339 18.65 16.63 4.31
C ILE B 339 18.07 15.75 3.21
N GLY B 340 17.07 14.95 3.57
CA GLY B 340 16.45 14.08 2.60
C GLY B 340 15.24 13.35 3.12
N VAL B 341 14.64 12.54 2.25
CA VAL B 341 13.47 11.77 2.59
C VAL B 341 13.67 10.31 2.18
N ARG B 342 12.84 9.43 2.74
CA ARG B 342 12.88 8.01 2.44
C ARG B 342 11.45 7.46 2.43
N PHE B 343 11.05 6.91 1.29
CA PHE B 343 9.73 6.34 1.13
C PHE B 343 9.80 4.83 1.23
N SER B 344 9.00 4.25 2.11
CA SER B 344 8.97 2.81 2.28
C SER B 344 7.53 2.31 2.34
N LYS B 345 7.37 1.00 2.51
CA LYS B 345 6.07 0.36 2.57
C LYS B 345 5.18 0.60 1.36
N PHE B 346 5.59 0.07 0.22
CA PHE B 346 4.83 0.24 -1.00
C PHE B 346 3.59 -0.66 -1.02
N ILE B 347 2.50 -0.15 -1.56
CA ILE B 347 1.27 -0.91 -1.65
C ILE B 347 1.49 -1.99 -2.70
N GLU B 348 0.75 -3.00 -2.72
N1 DOC C 13 28.03 -0.34 -0.72
C2 DOC C 13 27.44 0.94 -0.72
N3 DOC C 13 27.73 1.86 0.29
C4 DOC C 13 28.62 1.51 1.31
C5 DOC C 13 29.21 0.25 1.32
C6 DOC C 13 28.92 -0.67 0.31
O2 DOC C 13 26.64 1.23 -1.62
N4 DOC C 13 28.91 2.38 2.27
C1' DOC C 13 27.74 -1.30 -1.79
C2' DOC C 13 28.99 -1.88 -2.47
C3' DOC C 13 28.26 -2.90 -3.34
C4' DOC C 13 27.34 -3.54 -2.29
O4' DOC C 13 27.08 -2.49 -1.32
C5' DOC C 13 27.93 -4.72 -1.51
O5' DOC C 13 29.25 -4.43 -1.05
P DOC C 13 29.89 -5.21 0.21
OP1 DOC C 13 30.21 -6.59 -0.22
OP2 DOC C 13 30.97 -4.37 0.80
P 8OG D 5 30.47 15.67 2.28
OP1 8OG D 5 30.94 16.80 1.45
OP2 8OG D 5 29.64 15.94 3.48
O5' 8OG D 5 29.66 14.66 1.33
C5' 8OG D 5 30.26 13.46 0.82
C4' 8OG D 5 29.50 13.10 -0.47
O4' 8OG D 5 29.79 11.74 -0.82
C3' 8OG D 5 27.99 13.18 -0.27
O3' 8OG D 5 27.29 13.32 -1.51
C2' 8OG D 5 27.72 11.82 0.39
C1' 8OG D 5 28.61 10.96 -0.51
N9 8OG D 5 29.01 9.67 0.08
C8 8OG D 5 29.58 9.47 1.27
N7 8OG D 5 30.04 8.23 1.39
C5 8OG D 5 29.75 7.61 0.25
C6 8OG D 5 30.00 6.33 -0.22
O6 8OG D 5 30.70 5.62 0.50
N1 8OG D 5 29.59 5.98 -1.52
C2 8OG D 5 28.91 6.95 -2.29
N2 8OG D 5 28.50 6.63 -3.51
N3 8OG D 5 28.67 8.19 -1.81
C4 8OG D 5 29.09 8.51 -0.58
O8 8OG D 5 29.69 10.29 2.19
N1 DOC E 13 -24.42 3.71 0.42
C2 DOC E 13 -24.86 5.02 0.61
N3 DOC E 13 -24.29 5.82 1.62
C4 DOC E 13 -23.30 5.29 2.44
C5 DOC E 13 -22.87 3.98 2.25
C6 DOC E 13 -23.42 3.19 1.25
O2 DOC E 13 -25.74 5.48 -0.12
N4 DOC E 13 -22.79 6.03 3.42
C1' DOC E 13 -25.12 2.84 -0.54
C2' DOC E 13 -24.41 2.73 -1.90
C3' DOC E 13 -23.49 1.55 -1.64
C4' DOC E 13 -24.51 0.64 -0.98
O4' DOC E 13 -25.13 1.50 0.00
C5' DOC E 13 -23.93 -0.59 -0.25
O5' DOC E 13 -22.75 -0.18 0.44
P DOC E 13 -22.10 -1.07 1.62
OP1 DOC E 13 -21.79 -2.41 1.06
OP2 DOC E 13 -21.00 -0.30 2.27
P 8OG F 5 -21.79 19.85 3.81
OP1 8OG F 5 -21.32 21.20 3.37
OP2 8OG F 5 -22.76 19.78 4.92
O5' 8OG F 5 -22.39 19.09 2.53
C5' 8OG F 5 -22.04 17.73 2.25
C4' 8OG F 5 -22.92 17.26 1.10
O4' 8OG F 5 -22.61 15.88 0.82
C3' 8OG F 5 -24.41 17.27 1.44
O3' 8OG F 5 -25.24 17.43 0.26
C2' 8OG F 5 -24.58 15.91 2.12
C1' 8OG F 5 -23.72 15.05 1.21
N9 8OG F 5 -23.22 13.79 1.79
C8 8OG F 5 -22.58 13.64 2.93
N7 8OG F 5 -22.07 12.42 3.04
C5 8OG F 5 -22.41 11.80 1.92
C6 8OG F 5 -22.12 10.52 1.47
O6 8OG F 5 -21.42 9.79 2.15
N1 8OG F 5 -22.60 10.12 0.23
C2 8OG F 5 -23.36 11.01 -0.55
N2 8OG F 5 -23.83 10.66 -1.74
N3 8OG F 5 -23.60 12.24 -0.07
C4 8OG F 5 -23.15 12.65 1.12
O8 8OG F 5 -22.51 14.51 3.80
MG MG G . -19.69 -0.66 -6.52
MG MG H . -27.96 12.44 18.20
MG MG I . -21.70 -1.57 -3.55
N1 DCP J . -22.36 5.94 -2.87
C2 DCP J . -22.61 7.19 -2.28
N3 DCP J . -22.09 7.46 -1.01
C4 DCP J . -21.33 6.49 -0.34
C5 DCP J . -21.09 5.25 -0.92
C6 DCP J . -21.61 4.98 -2.19
O2 DCP J . -23.26 8.03 -2.88
N4 DCP J . -20.83 6.78 0.86
C1' DCP J . -22.92 5.63 -4.20
C2' DCP J . -21.91 6.00 -5.30
C3' DCP J . -21.09 4.72 -5.36
C4' DCP J . -22.24 3.72 -5.32
O4' DCP J . -23.08 4.21 -4.27
O3' DCP J . -20.43 4.65 -6.63
C5' DCP J . -21.75 2.32 -4.98
O5' DCP J . -21.13 2.39 -3.70
PA DCP J . -20.10 1.25 -3.22
O1A DCP J . -20.87 0.13 -2.64
O2A DCP J . -19.05 1.86 -2.36
O3A DCP J . -19.43 0.79 -4.61
PB DCP J . -18.24 1.63 -5.34
O1B DCP J . -18.25 3.01 -4.82
O2B DCP J . -18.29 1.45 -6.80
O3B DCP J . -16.89 0.92 -4.81
PG DCP J . -16.46 -0.54 -5.31
O1G DCP J . -16.51 -1.49 -4.00
O2G DCP J . -17.62 -1.13 -6.26
O3G DCP J . -15.14 -0.57 -5.99
MG MG K . 33.16 -5.09 -7.48
MG MG L . 22.67 8.10 15.73
MG MG M . 30.33 -6.26 -5.03
N1 DCP N . 30.20 1.83 -4.19
C2 DCP N . 29.91 3.10 -3.67
N3 DCP N . 30.24 3.39 -2.35
C4 DCP N . 30.85 2.42 -1.54
C5 DCP N . 31.13 1.16 -2.06
C6 DCP N . 30.82 0.87 -3.38
O2 DCP N . 29.39 3.96 -4.39
N4 DCP N . 31.19 2.71 -0.29
C1' DCP N . 29.77 1.50 -5.57
C2' DCP N . 30.89 1.77 -6.57
C3' DCP N . 31.63 0.43 -6.57
C4' DCP N . 30.40 -0.48 -6.60
O4' DCP N . 29.54 0.07 -5.60
O3' DCP N . 32.33 0.31 -7.81
C5' DCP N . 30.78 -1.93 -6.26
O5' DCP N . 31.37 -1.93 -4.96
PA DCP N . 32.46 -3.04 -4.53
O1A DCP N . 31.71 -4.18 -3.99
O2A DCP N . 33.51 -2.45 -3.68
O3A DCP N . 33.12 -3.46 -5.93
PB DCP N . 34.32 -2.57 -6.52
O1B DCP N . 34.15 -1.17 -6.07
O2B DCP N . 34.44 -2.83 -7.97
O3B DCP N . 35.61 -3.15 -5.77
PG DCP N . 36.09 -4.67 -6.04
O1G DCP N . 34.78 -5.59 -6.20
O2G DCP N . 36.83 -4.62 -7.48
O3G DCP N . 36.95 -5.14 -4.95
#